data_3H9E
#
_entry.id   3H9E
#
_cell.length_a   141.960
_cell.length_b   71.780
_cell.length_c   81.260
_cell.angle_alpha   90.00
_cell.angle_beta   122.90
_cell.angle_gamma   90.00
#
_symmetry.space_group_name_H-M   'C 1 2 1'
#
loop_
_entity.id
_entity.type
_entity.pdbx_description
1 polymer 'Glyceraldehyde-3-phosphate dehydrogenase, testis-specific'
2 non-polymer NICOTINAMIDE-ADENINE-DINUCLEOTIDE
3 non-polymer 'PHOSPHATE ION'
4 non-polymer 1,2-ETHANEDIOL
5 water water
#
_entity_poly.entity_id   1
_entity_poly.type   'polypeptide(L)'
_entity_poly.pdbx_seq_one_letter_code
;MVSVARELTVGINGFGRIGRLVLRACMEKGVKVVAVNDPFIDPEYMVYMFKYDSTHGRYKGSVEFRNGQLVVDNHEISVY
QCKEPKQIPWRAVGSPYVVESTGVYLSIQAASDHISAGAQRVVISAPSPDAPMFVMGVNENDYNPGSMNIVSNASCTTNC
LAPLAKVIHERFGIVEGLMTTVHSYTATQKTVDGPSRKAWRDGRGAHQNIIPASTGAAKAVTKVIPELKGKLTGMAFRVP
TPDVSVVDLTCRLAQPAPYSAIKEAVKAAAKGPMAGILAYTEDEVVSTDFLGDTHSSIFDAKAGIALNDNFVKLISWYDN
EYGYSHRVVDLLRYMFSRDAENLYFQ
;
_entity_poly.pdbx_strand_id   O,P
#
loop_
_chem_comp.id
_chem_comp.type
_chem_comp.name
_chem_comp.formula
EDO non-polymer 1,2-ETHANEDIOL 'C2 H6 O2'
NAD non-polymer NICOTINAMIDE-ADENINE-DINUCLEOTIDE 'C21 H27 N7 O14 P2'
PO4 non-polymer 'PHOSPHATE ION' 'O4 P -3'
#
# COMPACT_ATOMS: atom_id res chain seq x y z
N ARG A 6 -20.88 -5.57 41.08
CA ARG A 6 -22.22 -5.99 40.56
C ARG A 6 -22.47 -5.43 39.16
N GLU A 7 -21.59 -4.54 38.68
CA GLU A 7 -21.64 -4.10 37.28
C GLU A 7 -20.30 -3.57 36.76
N LEU A 8 -20.12 -3.72 35.45
CA LEU A 8 -18.93 -3.22 34.77
C LEU A 8 -18.95 -1.71 34.76
N THR A 9 -17.87 -1.10 35.25
CA THR A 9 -17.63 0.33 35.11
C THR A 9 -16.25 0.52 34.52
N VAL A 10 -16.12 1.56 33.70
CA VAL A 10 -14.94 1.75 32.90
C VAL A 10 -14.33 3.12 33.14
N GLY A 11 -13.01 3.14 33.28
CA GLY A 11 -12.23 4.36 33.28
C GLY A 11 -11.34 4.39 32.06
N ILE A 12 -11.18 5.58 31.46
CA ILE A 12 -10.34 5.74 30.28
C ILE A 12 -9.17 6.65 30.57
N ASN A 13 -7.96 6.16 30.36
CA ASN A 13 -6.77 6.97 30.44
C ASN A 13 -6.22 7.23 29.05
N GLY A 14 -6.32 8.48 28.61
CA GLY A 14 -5.87 8.87 27.31
C GLY A 14 -7.09 8.99 26.42
N PHE A 15 -7.59 10.22 26.26
CA PHE A 15 -8.85 10.47 25.57
C PHE A 15 -8.58 10.84 24.11
N GLY A 16 -7.89 9.94 23.41
CA GLY A 16 -7.43 10.18 22.06
C GLY A 16 -8.34 9.52 21.02
N ARG A 17 -7.77 9.19 19.89
CA ARG A 17 -8.56 8.50 18.85
C ARG A 17 -9.22 7.25 19.45
N ILE A 18 -8.45 6.40 20.12
CA ILE A 18 -8.98 5.18 20.69
C ILE A 18 -9.84 5.49 21.92
N GLY A 19 -9.35 6.34 22.82
CA GLY A 19 -10.11 6.67 24.01
C GLY A 19 -11.50 7.24 23.75
N ARG A 20 -11.60 8.16 22.78
CA ARG A 20 -12.90 8.75 22.47
C ARG A 20 -13.79 7.75 21.77
N LEU A 21 -13.23 6.91 20.90
CA LEU A 21 -14.03 5.98 20.16
C LEU A 21 -14.44 4.80 21.06
N VAL A 22 -13.61 4.47 22.06
CA VAL A 22 -14.03 3.55 23.11
C VAL A 22 -15.23 4.12 23.89
N LEU A 23 -15.21 5.40 24.23
CA LEU A 23 -16.38 6.02 24.90
C LEU A 23 -17.58 5.94 23.96
N ARG A 24 -17.41 6.23 22.67
CA ARG A 24 -18.54 6.08 21.71
C ARG A 24 -19.10 4.62 21.73
N ALA A 25 -18.19 3.66 21.63
CA ALA A 25 -18.57 2.22 21.64
C ALA A 25 -19.28 1.83 22.93
N CYS A 26 -18.82 2.35 24.08
CA CYS A 26 -19.45 2.09 25.35
C CYS A 26 -20.85 2.66 25.37
N MET A 27 -21.01 3.87 24.83
CA MET A 27 -22.33 4.49 24.74
C MET A 27 -23.25 3.65 23.86
N GLU A 28 -22.73 3.12 22.76
CA GLU A 28 -23.50 2.29 21.83
C GLU A 28 -23.89 0.95 22.48
N LYS A 29 -23.00 0.39 23.31
CA LYS A 29 -23.19 -0.97 23.86
C LYS A 29 -23.64 -0.98 25.31
N GLY A 30 -24.05 0.18 25.83
CA GLY A 30 -24.59 0.29 27.17
C GLY A 30 -23.62 0.05 28.31
N VAL A 31 -22.33 0.32 28.09
CA VAL A 31 -21.32 0.11 29.14
C VAL A 31 -21.06 1.44 29.85
N LYS A 32 -21.07 1.39 31.18
CA LYS A 32 -20.96 2.59 31.99
C LYS A 32 -19.53 3.07 32.11
N VAL A 33 -19.27 4.27 31.58
CA VAL A 33 -17.99 4.93 31.75
C VAL A 33 -18.14 5.90 32.89
N VAL A 34 -17.31 5.74 33.92
CA VAL A 34 -17.40 6.57 35.10
C VAL A 34 -16.37 7.67 35.13
N ALA A 35 -15.28 7.53 34.38
CA ALA A 35 -14.23 8.55 34.41
C ALA A 35 -13.31 8.50 33.21
N VAL A 36 -12.83 9.68 32.84
CA VAL A 36 -11.88 9.83 31.78
C VAL A 36 -10.78 10.71 32.34
N ASN A 37 -9.54 10.31 32.06
CA ASN A 37 -8.37 11.08 32.44
C ASN A 37 -7.56 11.47 31.21
N ASP A 38 -7.30 12.75 31.08
CA ASP A 38 -6.36 13.21 30.09
C ASP A 38 -5.86 14.59 30.52
N PRO A 39 -4.54 14.69 30.80
CA PRO A 39 -4.00 15.97 31.31
C PRO A 39 -4.01 17.09 30.28
N PHE A 40 -4.18 16.75 29.00
CA PHE A 40 -4.09 17.73 27.91
C PHE A 40 -5.43 18.21 27.38
N ILE A 41 -6.53 17.75 28.00
CA ILE A 41 -7.88 18.10 27.55
C ILE A 41 -8.78 18.36 28.77
N ASP A 42 -9.18 19.62 29.00
CA ASP A 42 -10.09 19.98 30.10
C ASP A 42 -11.54 19.60 29.77
N PRO A 43 -12.42 19.62 30.78
CA PRO A 43 -13.77 19.15 30.52
C PRO A 43 -14.48 19.84 29.38
N GLU A 44 -14.41 21.18 29.35
CA GLU A 44 -15.07 21.92 28.28
C GLU A 44 -14.43 21.55 26.95
N TYR A 45 -13.12 21.36 26.92
CA TYR A 45 -12.46 20.96 25.67
C TYR A 45 -12.82 19.50 25.28
N MET A 46 -13.00 18.62 26.28
CA MET A 46 -13.42 17.24 26.01
C MET A 46 -14.77 17.19 25.33
N VAL A 47 -15.69 18.09 25.71
CA VAL A 47 -16.97 18.18 25.01
C VAL A 47 -16.80 18.38 23.53
N TYR A 48 -15.98 19.37 23.15
CA TYR A 48 -15.69 19.67 21.75
C TYR A 48 -15.01 18.50 21.03
N MET A 49 -14.00 17.91 21.65
CA MET A 49 -13.26 16.83 20.99
C MET A 49 -14.11 15.57 20.83
N PHE A 50 -15.03 15.33 21.77
CA PHE A 50 -15.93 14.21 21.64
C PHE A 50 -17.08 14.46 20.68
N LYS A 51 -17.64 15.68 20.70
CA LYS A 51 -18.77 16.06 19.87
CA LYS A 51 -18.78 16.05 19.86
C LYS A 51 -18.45 16.03 18.37
N TYR A 52 -17.28 16.56 17.98
CA TYR A 52 -16.93 16.70 16.59
C TYR A 52 -15.74 15.79 16.24
N ASP A 53 -15.90 15.04 15.17
CA ASP A 53 -14.88 14.07 14.75
C ASP A 53 -14.68 14.13 13.25
N SER A 54 -13.44 14.39 12.80
CA SER A 54 -13.20 14.55 11.40
C SER A 54 -13.48 13.32 10.58
N THR A 55 -13.26 12.16 11.21
CA THR A 55 -13.33 10.86 10.53
C THR A 55 -14.69 10.19 10.66
N HIS A 56 -15.26 10.30 11.84
CA HIS A 56 -16.48 9.53 12.20
C HIS A 56 -17.70 10.38 12.45
N GLY A 57 -17.61 11.66 12.12
CA GLY A 57 -18.78 12.53 12.17
C GLY A 57 -19.16 12.99 13.56
N ARG A 58 -20.20 13.81 13.60
CA ARG A 58 -20.65 14.41 14.85
C ARG A 58 -21.28 13.33 15.74
N TYR A 59 -21.03 13.41 17.04
CA TYR A 59 -21.66 12.47 17.96
C TYR A 59 -23.16 12.67 17.90
N LYS A 60 -23.90 11.58 17.73
CA LYS A 60 -25.35 11.62 17.58
C LYS A 60 -25.93 11.44 18.99
N GLY A 61 -26.09 12.56 19.67
CA GLY A 61 -26.51 12.57 21.07
C GLY A 61 -26.10 13.91 21.65
N SER A 62 -26.25 14.05 22.97
CA SER A 62 -25.98 15.30 23.64
C SER A 62 -24.64 15.18 24.38
N VAL A 63 -23.89 16.28 24.35
CA VAL A 63 -22.60 16.37 25.00
C VAL A 63 -22.50 17.74 25.67
N GLU A 64 -22.28 17.77 26.98
CA GLU A 64 -22.24 19.01 27.74
C GLU A 64 -21.19 18.87 28.84
N PHE A 65 -20.80 20.00 29.45
CA PHE A 65 -20.01 19.92 30.68
C PHE A 65 -20.66 20.73 31.78
N ARG A 66 -20.41 20.30 33.01
CA ARG A 66 -20.87 21.02 34.19
C ARG A 66 -20.31 20.36 35.42
N ASN A 67 -20.10 21.17 36.46
CA ASN A 67 -19.59 20.68 37.74
C ASN A 67 -18.29 19.89 37.59
N GLY A 68 -17.44 20.29 36.65
CA GLY A 68 -16.18 19.59 36.39
C GLY A 68 -16.32 18.22 35.75
N GLN A 69 -17.46 17.97 35.11
CA GLN A 69 -17.78 16.66 34.54
C GLN A 69 -18.16 16.81 33.07
N LEU A 70 -17.92 15.72 32.34
CA LEU A 70 -18.36 15.56 30.96
C LEU A 70 -19.70 14.84 31.04
N VAL A 71 -20.73 15.34 30.33
CA VAL A 71 -22.05 14.72 30.40
C VAL A 71 -22.49 14.29 29.02
N VAL A 72 -22.54 12.99 28.78
CA VAL A 72 -22.91 12.44 27.47
C VAL A 72 -24.24 11.73 27.58
N ASP A 73 -25.22 12.16 26.78
CA ASP A 73 -26.57 11.59 26.83
C ASP A 73 -27.02 11.45 28.30
N ASN A 74 -26.84 12.52 29.06
CA ASN A 74 -27.23 12.56 30.47
C ASN A 74 -26.44 11.70 31.45
N HIS A 75 -25.41 10.99 30.97
CA HIS A 75 -24.54 10.23 31.84
CA HIS A 75 -24.52 10.21 31.82
C HIS A 75 -23.37 11.11 32.28
N GLU A 76 -23.18 11.25 33.58
CA GLU A 76 -22.14 12.11 34.14
C GLU A 76 -20.85 11.32 34.20
N ILE A 77 -19.78 11.88 33.63
CA ILE A 77 -18.49 11.21 33.60
C ILE A 77 -17.49 12.11 34.29
N SER A 78 -16.82 11.60 35.32
CA SER A 78 -15.81 12.39 36.00
C SER A 78 -14.62 12.60 35.09
N VAL A 79 -14.04 13.78 35.17
CA VAL A 79 -12.94 14.16 34.33
C VAL A 79 -11.75 14.45 35.22
N TYR A 80 -10.68 13.70 35.00
CA TYR A 80 -9.46 13.90 35.75
C TYR A 80 -8.41 14.42 34.79
N GLN A 81 -7.35 14.99 35.36
CA GLN A 81 -6.39 15.78 34.59
C GLN A 81 -4.92 15.41 34.92
N CYS A 82 -4.67 14.14 35.19
CA CYS A 82 -3.39 13.66 35.72
C CYS A 82 -2.40 13.20 34.67
N LYS A 83 -1.12 13.48 34.90
CA LYS A 83 -0.06 13.15 33.94
C LYS A 83 0.54 11.75 34.12
N GLU A 84 0.30 11.14 35.28
CA GLU A 84 0.86 9.83 35.61
C GLU A 84 -0.23 8.96 36.20
N PRO A 85 -0.25 7.66 35.84
CA PRO A 85 -1.27 6.75 36.37
C PRO A 85 -1.38 6.73 37.91
N LYS A 86 -0.24 6.79 38.60
CA LYS A 86 -0.24 6.80 40.07
C LYS A 86 -0.98 8.01 40.66
N GLN A 87 -1.21 9.05 39.85
CA GLN A 87 -1.93 10.26 40.31
C GLN A 87 -3.44 10.15 40.19
N ILE A 88 -3.93 9.22 39.36
CA ILE A 88 -5.36 9.16 39.04
C ILE A 88 -6.17 8.56 40.16
N PRO A 89 -7.24 9.25 40.59
CA PRO A 89 -7.98 8.78 41.75
C PRO A 89 -9.05 7.74 41.40
N TRP A 90 -8.61 6.59 40.91
CA TRP A 90 -9.59 5.57 40.50
C TRP A 90 -10.52 5.09 41.63
N ARG A 91 -10.05 5.15 42.88
CA ARG A 91 -10.90 4.75 44.01
C ARG A 91 -12.13 5.64 44.21
N ALA A 92 -11.98 6.92 43.91
CA ALA A 92 -13.09 7.87 43.96
C ALA A 92 -14.29 7.46 43.06
N VAL A 93 -14.05 6.71 41.98
CA VAL A 93 -15.13 6.29 41.08
C VAL A 93 -15.39 4.80 41.14
N GLY A 94 -14.94 4.18 42.23
CA GLY A 94 -15.37 2.82 42.58
C GLY A 94 -14.65 1.70 41.87
N SER A 95 -13.33 1.83 41.75
CA SER A 95 -12.46 0.76 41.19
C SER A 95 -12.90 0.24 39.83
N PRO A 96 -12.87 1.13 38.84
CA PRO A 96 -13.30 0.71 37.49
C PRO A 96 -12.30 -0.20 36.82
N TYR A 97 -12.75 -0.82 35.74
CA TYR A 97 -11.88 -1.45 34.76
C TYR A 97 -11.30 -0.32 33.92
N VAL A 98 -9.98 -0.27 33.78
CA VAL A 98 -9.31 0.86 33.12
C VAL A 98 -8.74 0.53 31.74
N VAL A 99 -9.15 1.34 30.74
CA VAL A 99 -8.52 1.32 29.45
C VAL A 99 -7.29 2.23 29.46
N GLU A 100 -6.15 1.66 29.13
CA GLU A 100 -4.89 2.39 29.08
C GLU A 100 -4.61 2.68 27.61
N SER A 101 -5.07 3.88 27.17
CA SER A 101 -5.02 4.28 25.76
C SER A 101 -4.21 5.56 25.54
N THR A 102 -3.18 5.74 26.36
CA THR A 102 -2.28 6.88 26.19
C THR A 102 -1.18 6.62 25.20
N GLY A 103 -0.85 5.35 25.00
CA GLY A 103 0.26 4.94 24.17
C GLY A 103 1.62 4.83 24.84
N VAL A 104 1.72 5.27 26.11
CA VAL A 104 3.04 5.37 26.77
C VAL A 104 3.23 4.52 28.01
N TYR A 105 2.22 3.73 28.40
CA TYR A 105 2.32 2.82 29.55
C TYR A 105 2.01 1.38 29.11
N LEU A 106 2.98 0.76 28.44
CA LEU A 106 2.74 -0.49 27.73
C LEU A 106 3.12 -1.76 28.49
N SER A 107 4.00 -1.65 29.49
CA SER A 107 4.48 -2.82 30.24
C SER A 107 3.61 -3.09 31.46
N ILE A 108 3.65 -4.32 31.97
CA ILE A 108 3.00 -4.63 33.22
C ILE A 108 3.44 -3.65 34.31
N GLN A 109 4.74 -3.35 34.36
CA GLN A 109 5.29 -2.48 35.40
C GLN A 109 4.70 -1.07 35.30
N ALA A 110 4.65 -0.51 34.10
CA ALA A 110 4.13 0.85 33.95
C ALA A 110 2.62 0.85 34.25
N ALA A 111 1.91 -0.14 33.74
CA ALA A 111 0.45 -0.23 33.97
C ALA A 111 0.01 -0.57 35.36
N SER A 112 0.88 -1.20 36.15
CA SER A 112 0.49 -1.62 37.50
C SER A 112 0.18 -0.43 38.41
N ASP A 113 0.73 0.75 38.11
CA ASP A 113 0.43 1.93 38.90
C ASP A 113 -1.07 2.24 38.88
N HIS A 114 -1.78 1.85 37.82
CA HIS A 114 -3.23 1.99 37.80
C HIS A 114 -3.87 1.13 38.89
N ILE A 115 -3.37 -0.10 39.03
CA ILE A 115 -3.94 -1.03 40.01
C ILE A 115 -3.75 -0.49 41.43
N SER A 116 -2.56 0.01 41.72
CA SER A 116 -2.29 0.50 43.05
C SER A 116 -2.97 1.86 43.29
N ALA A 117 -3.37 2.56 42.23
CA ALA A 117 -4.22 3.76 42.33
C ALA A 117 -5.74 3.45 42.41
N GLY A 118 -6.11 2.17 42.37
CA GLY A 118 -7.50 1.77 42.57
C GLY A 118 -8.19 1.01 41.45
N ALA A 119 -7.55 0.87 40.28
CA ALA A 119 -8.17 0.14 39.16
C ALA A 119 -8.36 -1.33 39.55
N GLN A 120 -9.48 -1.92 39.12
CA GLN A 120 -9.74 -3.36 39.32
C GLN A 120 -8.90 -4.18 38.33
N ARG A 121 -8.95 -3.75 37.07
CA ARG A 121 -8.21 -4.35 35.96
C ARG A 121 -7.68 -3.25 35.02
N VAL A 122 -6.68 -3.59 34.21
CA VAL A 122 -6.24 -2.70 33.12
C VAL A 122 -6.23 -3.44 31.76
N VAL A 123 -6.76 -2.79 30.73
CA VAL A 123 -6.66 -3.25 29.34
C VAL A 123 -5.81 -2.25 28.61
N ILE A 124 -4.61 -2.65 28.25
CA ILE A 124 -3.70 -1.82 27.50
C ILE A 124 -4.13 -1.88 26.01
N SER A 125 -4.34 -0.70 25.41
CA SER A 125 -4.92 -0.61 24.03
C SER A 125 -3.85 -0.71 22.93
N ALA A 126 -2.88 -1.59 23.13
CA ALA A 126 -1.73 -1.79 22.26
C ALA A 126 -1.02 -3.07 22.69
N PRO A 127 -0.15 -3.63 21.82
CA PRO A 127 0.70 -4.74 22.24
C PRO A 127 1.56 -4.38 23.44
N SER A 128 1.86 -5.36 24.26
CA SER A 128 2.68 -5.14 25.44
C SER A 128 3.89 -6.07 25.36
N PRO A 129 5.06 -5.61 25.87
CA PRO A 129 6.23 -6.52 25.92
C PRO A 129 6.01 -7.73 26.84
N ASP A 130 5.13 -7.59 27.83
CA ASP A 130 4.96 -8.66 28.79
C ASP A 130 3.54 -8.97 29.25
N ALA A 131 2.60 -8.03 29.15
CA ALA A 131 1.23 -8.33 29.57
C ALA A 131 0.63 -9.31 28.58
N PRO A 132 -0.26 -10.21 29.07
CA PRO A 132 -0.82 -11.19 28.16
C PRO A 132 -1.76 -10.52 27.17
N MET A 133 -1.66 -10.93 25.91
CA MET A 133 -2.42 -10.32 24.82
C MET A 133 -3.58 -11.19 24.34
N PHE A 134 -4.68 -10.52 24.00
CA PHE A 134 -5.92 -11.17 23.60
C PHE A 134 -6.50 -10.57 22.34
N VAL A 135 -7.05 -11.45 21.52
CA VAL A 135 -7.80 -11.06 20.34
C VAL A 135 -9.15 -11.78 20.44
N MET A 136 -10.23 -11.02 20.53
CA MET A 136 -11.57 -11.60 20.60
C MET A 136 -11.80 -12.45 19.35
N GLY A 137 -12.36 -13.64 19.56
CA GLY A 137 -12.58 -14.58 18.46
C GLY A 137 -11.41 -15.53 18.23
N VAL A 138 -10.33 -15.31 18.96
CA VAL A 138 -9.09 -16.10 18.76
C VAL A 138 -8.57 -16.76 20.05
N ASN A 139 -8.41 -16.00 21.13
CA ASN A 139 -7.88 -16.59 22.35
C ASN A 139 -8.41 -15.99 23.65
N GLU A 140 -9.60 -15.37 23.64
CA GLU A 140 -10.05 -14.70 24.86
C GLU A 140 -10.23 -15.71 26.01
N ASN A 141 -10.52 -16.95 25.66
CA ASN A 141 -10.68 -18.00 26.67
C ASN A 141 -9.45 -18.27 27.50
N ASP A 142 -8.29 -17.80 27.06
CA ASP A 142 -7.07 -17.94 27.86
C ASP A 142 -6.94 -16.91 28.98
N TYR A 143 -7.88 -15.96 29.06
CA TYR A 143 -7.90 -15.00 30.15
C TYR A 143 -8.18 -15.77 31.46
N ASN A 144 -7.38 -15.47 32.49
CA ASN A 144 -7.45 -16.17 33.77
C ASN A 144 -7.72 -15.10 34.85
N PRO A 145 -8.99 -14.94 35.26
CA PRO A 145 -9.36 -13.94 36.27
C PRO A 145 -8.50 -14.00 37.53
N GLY A 146 -8.09 -15.21 37.93
CA GLY A 146 -7.26 -15.38 39.11
C GLY A 146 -5.89 -14.69 39.07
N SER A 147 -5.32 -14.55 37.87
CA SER A 147 -3.93 -14.20 37.76
C SER A 147 -3.58 -13.12 36.75
N MET A 148 -4.59 -12.51 36.12
CA MET A 148 -4.32 -11.50 35.09
C MET A 148 -5.08 -10.18 35.34
N ASN A 149 -4.52 -9.30 36.16
CA ASN A 149 -5.17 -8.01 36.37
CA ASN A 149 -5.13 -7.99 36.40
C ASN A 149 -4.80 -6.96 35.31
N ILE A 150 -3.70 -7.18 34.58
CA ILE A 150 -3.24 -6.30 33.48
C ILE A 150 -3.11 -7.12 32.19
N VAL A 151 -3.88 -6.75 31.16
CA VAL A 151 -3.89 -7.47 29.88
C VAL A 151 -3.75 -6.47 28.74
N SER A 152 -3.55 -6.99 27.53
CA SER A 152 -3.45 -6.16 26.34
C SER A 152 -4.43 -6.66 25.30
N ASN A 153 -4.99 -5.73 24.52
CA ASN A 153 -5.91 -6.12 23.43
C ASN A 153 -5.19 -6.19 22.07
N ALA A 154 -3.87 -6.36 22.12
CA ALA A 154 -3.01 -6.42 20.94
C ALA A 154 -3.13 -5.11 20.11
N SER A 155 -3.02 -5.18 18.79
CA SER A 155 -3.08 -3.99 17.96
C SER A 155 -4.24 -4.16 16.97
N CYS A 156 -4.54 -3.11 16.24
CA CYS A 156 -5.58 -3.17 15.20
C CYS A 156 -5.22 -4.18 14.15
N THR A 157 -3.99 -4.14 13.65
CA THR A 157 -3.59 -5.11 12.61
C THR A 157 -3.63 -6.56 13.12
N THR A 158 -3.25 -6.77 14.38
CA THR A 158 -3.33 -8.11 14.95
C THR A 158 -4.77 -8.60 15.00
N ASN A 159 -5.68 -7.70 15.32
CA ASN A 159 -7.09 -8.03 15.40
C ASN A 159 -7.68 -8.31 14.00
N CYS A 160 -7.08 -7.79 12.95
CA CYS A 160 -7.53 -8.09 11.56
C CYS A 160 -6.92 -9.43 11.13
N LEU A 161 -5.62 -9.57 11.34
CA LEU A 161 -4.88 -10.71 10.87
C LEU A 161 -5.18 -12.02 11.60
N ALA A 162 -5.20 -12.00 12.94
CA ALA A 162 -5.36 -13.23 13.72
C ALA A 162 -6.65 -14.02 13.44
N PRO A 163 -7.84 -13.35 13.34
CA PRO A 163 -9.03 -14.14 13.03
C PRO A 163 -8.92 -14.83 11.66
N LEU A 164 -8.38 -14.14 10.66
CA LEU A 164 -8.23 -14.71 9.31
C LEU A 164 -7.19 -15.82 9.33
N ALA A 165 -6.07 -15.57 9.98
CA ALA A 165 -4.98 -16.57 10.08
C ALA A 165 -5.49 -17.85 10.78
N LYS A 166 -6.28 -17.69 11.83
CA LYS A 166 -6.87 -18.81 12.55
C LYS A 166 -7.71 -19.66 11.62
N VAL A 167 -8.61 -19.02 10.88
CA VAL A 167 -9.50 -19.73 9.94
C VAL A 167 -8.71 -20.49 8.89
N ILE A 168 -7.75 -19.82 8.27
CA ILE A 168 -6.93 -20.42 7.22
C ILE A 168 -6.05 -21.54 7.75
N HIS A 169 -5.44 -21.33 8.93
CA HIS A 169 -4.56 -22.32 9.48
C HIS A 169 -5.35 -23.58 9.90
N GLU A 170 -6.51 -23.38 10.52
CA GLU A 170 -7.32 -24.51 10.98
C GLU A 170 -7.92 -25.34 9.84
N ARG A 171 -8.14 -24.73 8.71
CA ARG A 171 -8.71 -25.39 7.56
C ARG A 171 -7.68 -25.99 6.61
N PHE A 172 -6.61 -25.23 6.32
CA PHE A 172 -5.64 -25.63 5.30
C PHE A 172 -4.22 -25.88 5.81
N GLY A 173 -3.88 -25.35 6.99
CA GLY A 173 -2.51 -25.39 7.50
C GLY A 173 -1.58 -24.38 6.87
N ILE A 174 -1.21 -23.33 7.61
CA ILE A 174 -0.23 -22.37 7.12
C ILE A 174 1.17 -22.95 7.35
N VAL A 175 1.85 -23.22 6.25
CA VAL A 175 3.25 -23.70 6.30
C VAL A 175 4.15 -22.51 6.66
N GLU A 176 3.96 -21.42 5.92
CA GLU A 176 4.66 -20.19 6.17
C GLU A 176 3.90 -19.05 5.51
N GLY A 177 4.05 -17.86 6.07
CA GLY A 177 3.33 -16.69 5.55
C GLY A 177 4.07 -15.42 5.88
N LEU A 178 3.86 -14.41 5.03
CA LEU A 178 4.32 -13.06 5.28
C LEU A 178 3.20 -12.12 4.95
N MET A 179 3.07 -11.06 5.74
CA MET A 179 1.99 -10.13 5.51
C MET A 179 2.47 -8.69 5.41
N THR A 180 1.62 -7.90 4.75
CA THR A 180 1.77 -6.45 4.69
C THR A 180 0.46 -5.85 5.08
N THR A 181 0.50 -4.75 5.82
CA THR A 181 -0.68 -3.93 5.99
C THR A 181 -0.45 -2.58 5.32
N VAL A 182 -1.35 -2.18 4.43
CA VAL A 182 -1.39 -0.85 3.89
C VAL A 182 -2.32 -0.09 4.84
N HIS A 183 -1.72 0.81 5.61
CA HIS A 183 -2.31 1.30 6.83
C HIS A 183 -2.43 2.81 6.84
N SER A 184 -3.57 3.31 7.32
CA SER A 184 -3.76 4.73 7.45
C SER A 184 -2.77 5.36 8.43
N TYR A 185 -2.48 6.64 8.24
CA TYR A 185 -1.64 7.32 9.21
C TYR A 185 -2.31 7.47 10.53
N THR A 186 -1.48 7.60 11.55
CA THR A 186 -1.90 7.77 12.92
C THR A 186 -1.27 8.98 13.66
N ALA A 187 -1.68 9.16 14.91
CA ALA A 187 -1.26 10.29 15.75
C ALA A 187 0.25 10.33 16.07
N THR A 188 0.91 9.19 15.98
CA THR A 188 2.35 9.14 16.14
C THR A 188 3.11 9.75 14.97
N GLN A 189 2.47 9.91 13.79
CA GLN A 189 3.10 10.45 12.63
C GLN A 189 3.05 11.99 12.64
N LYS A 190 3.72 12.58 11.65
CA LYS A 190 3.93 14.01 11.55
C LYS A 190 3.33 14.60 10.29
N THR A 191 2.80 15.82 10.42
CA THR A 191 2.23 16.53 9.26
C THR A 191 3.29 16.87 8.21
N VAL A 192 4.47 17.24 8.67
CA VAL A 192 5.64 17.59 7.83
C VAL A 192 6.87 16.91 8.43
N ASP A 193 7.94 16.77 7.64
CA ASP A 193 9.12 16.02 8.07
C ASP A 193 9.62 16.57 9.41
N GLY A 194 9.60 15.73 10.44
CA GLY A 194 10.11 16.08 11.76
C GLY A 194 10.72 14.93 12.49
N PRO A 195 11.14 15.18 13.75
CA PRO A 195 11.94 14.20 14.45
C PRO A 195 11.17 12.99 14.96
N SER A 196 11.76 11.85 14.67
CA SER A 196 11.29 10.56 15.17
C SER A 196 12.54 9.67 15.37
N ARG A 197 13.36 9.98 16.38
CA ARG A 197 14.66 9.32 16.54
C ARG A 197 14.60 7.79 16.69
N LYS A 198 13.48 7.26 17.16
CA LYS A 198 13.32 5.81 17.36
C LYS A 198 12.87 5.05 16.10
N ALA A 199 12.37 5.80 15.11
CA ALA A 199 11.89 5.23 13.86
C ALA A 199 11.90 6.33 12.81
N TRP A 200 13.00 6.44 12.08
CA TRP A 200 13.24 7.65 11.30
C TRP A 200 12.20 7.86 10.22
N ARG A 201 11.70 6.77 9.61
CA ARG A 201 10.80 6.95 8.45
C ARG A 201 9.48 7.49 8.94
N ASP A 202 9.14 7.16 10.19
CA ASP A 202 7.88 7.64 10.82
C ASP A 202 7.83 9.16 11.04
N GLY A 203 8.96 9.84 10.96
CA GLY A 203 9.00 11.29 11.07
C GLY A 203 8.66 12.01 9.79
N ARG A 204 8.74 11.30 8.67
CA ARG A 204 8.52 11.91 7.36
C ARG A 204 7.04 12.26 7.16
N GLY A 205 6.76 13.35 6.43
CA GLY A 205 5.39 13.86 6.27
C GLY A 205 4.41 12.75 5.91
N ALA A 206 3.37 12.59 6.74
CA ALA A 206 2.45 11.47 6.68
C ALA A 206 1.55 11.55 5.44
N HIS A 207 1.24 12.78 5.03
CA HIS A 207 0.31 13.04 3.93
CA HIS A 207 0.31 13.01 3.94
C HIS A 207 0.95 13.04 2.56
N GLN A 208 2.30 13.07 2.54
CA GLN A 208 3.07 13.15 1.32
C GLN A 208 3.65 11.82 0.87
N ASN A 209 3.74 10.85 1.79
CA ASN A 209 4.57 9.66 1.60
C ASN A 209 3.89 8.33 1.79
N ILE A 210 4.37 7.35 1.06
CA ILE A 210 4.24 5.94 1.41
C ILE A 210 5.46 5.64 2.28
N ILE A 211 5.21 5.17 3.48
CA ILE A 211 6.22 5.02 4.51
C ILE A 211 6.30 3.58 5.03
N PRO A 212 7.38 2.85 4.70
CA PRO A 212 7.54 1.53 5.32
C PRO A 212 7.69 1.65 6.85
N ALA A 213 7.05 0.74 7.58
CA ALA A 213 7.04 0.80 9.06
C ALA A 213 6.79 -0.57 9.65
N SER A 214 6.95 -0.63 10.96
CA SER A 214 6.63 -1.83 11.72
CA SER A 214 6.63 -1.83 11.71
C SER A 214 5.12 -1.92 11.91
N THR A 215 4.66 -3.14 12.19
CA THR A 215 3.29 -3.40 12.63
C THR A 215 3.33 -4.21 13.90
N GLY A 216 2.49 -3.82 14.86
CA GLY A 216 2.33 -4.57 16.10
C GLY A 216 1.96 -6.01 15.86
N ALA A 217 1.35 -6.28 14.71
CA ALA A 217 0.92 -7.65 14.38
C ALA A 217 2.08 -8.58 14.14
N ALA A 218 3.28 -8.04 13.82
CA ALA A 218 4.40 -8.93 13.42
C ALA A 218 4.75 -9.84 14.59
N LYS A 219 4.84 -9.21 15.77
CA LYS A 219 5.16 -9.95 17.00
C LYS A 219 3.92 -10.51 17.69
N ALA A 220 2.81 -9.76 17.68
CA ALA A 220 1.64 -10.16 18.46
C ALA A 220 0.88 -11.38 17.93
N VAL A 221 0.87 -11.56 16.62
CA VAL A 221 0.03 -12.59 16.04
C VAL A 221 0.41 -14.01 16.51
N THR A 222 1.70 -14.27 16.63
CA THR A 222 2.16 -15.59 17.11
C THR A 222 2.19 -15.69 18.66
N LYS A 223 1.86 -14.62 19.38
CA LYS A 223 1.60 -14.76 20.81
C LYS A 223 0.14 -15.24 20.99
N VAL A 224 -0.78 -14.68 20.21
CA VAL A 224 -2.19 -15.08 20.33
C VAL A 224 -2.51 -16.39 19.60
N ILE A 225 -1.71 -16.75 18.61
CA ILE A 225 -1.80 -18.05 17.92
C ILE A 225 -0.42 -18.67 17.98
N PRO A 226 -0.09 -19.30 19.12
CA PRO A 226 1.24 -19.85 19.36
C PRO A 226 1.65 -20.90 18.32
N GLU A 227 0.69 -21.68 17.81
CA GLU A 227 0.95 -22.65 16.74
C GLU A 227 1.55 -22.05 15.46
N LEU A 228 1.45 -20.72 15.28
CA LEU A 228 2.06 -20.06 14.13
C LEU A 228 3.43 -19.48 14.44
N LYS A 229 3.94 -19.67 15.66
CA LYS A 229 5.24 -19.11 15.97
C LYS A 229 6.27 -19.60 14.96
N GLY A 230 7.05 -18.65 14.46
CA GLY A 230 8.06 -18.93 13.43
C GLY A 230 7.52 -19.08 12.00
N LYS A 231 6.19 -19.06 11.84
CA LYS A 231 5.56 -19.28 10.51
C LYS A 231 4.94 -18.01 9.92
N LEU A 232 4.90 -16.91 10.68
CA LEU A 232 4.23 -15.67 10.21
C LEU A 232 4.87 -14.42 10.81
N THR A 233 5.20 -13.46 9.94
CA THR A 233 5.54 -12.11 10.38
C THR A 233 5.15 -11.13 9.27
N GLY A 234 5.51 -9.86 9.42
CA GLY A 234 5.17 -8.90 8.36
C GLY A 234 5.56 -7.48 8.69
N MET A 235 5.06 -6.56 7.89
CA MET A 235 5.44 -5.14 7.96
CA MET A 235 5.43 -5.14 7.99
C MET A 235 4.25 -4.28 7.51
N ALA A 236 4.41 -2.97 7.57
CA ALA A 236 3.37 -2.01 7.22
C ALA A 236 3.90 -1.03 6.18
N PHE A 237 2.98 -0.46 5.40
CA PHE A 237 3.25 0.80 4.70
C PHE A 237 2.19 1.75 5.19
N ARG A 238 2.60 2.85 5.80
CA ARG A 238 1.70 3.91 6.18
C ARG A 238 1.49 4.81 4.95
N VAL A 239 0.23 5.09 4.65
CA VAL A 239 -0.11 5.86 3.45
C VAL A 239 -1.06 7.02 3.79
N PRO A 240 -1.31 7.93 2.82
CA PRO A 240 -2.05 9.14 3.12
C PRO A 240 -3.56 9.02 3.19
N THR A 241 -4.04 8.12 4.02
CA THR A 241 -5.47 8.09 4.42
C THR A 241 -5.59 8.22 5.94
N PRO A 242 -6.70 8.84 6.43
CA PRO A 242 -6.80 9.14 7.86
C PRO A 242 -7.36 8.01 8.75
N ASP A 243 -7.95 7.01 8.13
CA ASP A 243 -8.48 5.80 8.78
C ASP A 243 -8.85 4.75 7.77
N VAL A 244 -8.85 3.49 8.26
CA VAL A 244 -9.12 2.24 7.57
C VAL A 244 -7.81 1.74 6.97
N SER A 245 -7.60 0.44 7.15
CA SER A 245 -6.35 -0.21 6.72
C SER A 245 -6.73 -1.59 6.13
N VAL A 246 -5.76 -2.24 5.49
CA VAL A 246 -5.97 -3.51 4.83
C VAL A 246 -4.77 -4.43 4.93
N VAL A 247 -5.04 -5.66 5.34
CA VAL A 247 -4.05 -6.73 5.43
C VAL A 247 -4.00 -7.52 4.12
N ASP A 248 -2.78 -7.80 3.68
CA ASP A 248 -2.43 -8.54 2.49
C ASP A 248 -1.52 -9.69 3.02
N LEU A 249 -2.09 -10.88 3.14
CA LEU A 249 -1.45 -12.06 3.72
C LEU A 249 -1.12 -13.04 2.59
N THR A 250 0.16 -13.30 2.40
CA THR A 250 0.66 -14.21 1.37
C THR A 250 1.12 -15.47 2.12
N CYS A 251 0.45 -16.58 1.87
CA CYS A 251 0.80 -17.81 2.55
CA CYS A 251 0.65 -17.84 2.58
C CYS A 251 0.87 -19.02 1.66
N ARG A 252 1.76 -19.92 2.09
CA ARG A 252 1.89 -21.24 1.54
C ARG A 252 1.11 -22.16 2.46
N LEU A 253 0.25 -22.96 1.86
CA LEU A 253 -0.69 -23.80 2.60
C LEU A 253 -0.36 -25.27 2.41
N ALA A 254 -0.63 -26.04 3.45
CA ALA A 254 -0.29 -27.46 3.48
C ALA A 254 -1.29 -28.29 2.66
N GLN A 255 -2.58 -28.14 2.96
CA GLN A 255 -3.63 -28.83 2.23
C GLN A 255 -4.03 -28.02 1.01
N PRO A 256 -4.49 -28.69 -0.06
CA PRO A 256 -5.01 -27.97 -1.22
C PRO A 256 -6.07 -26.96 -0.84
N ALA A 257 -5.91 -25.74 -1.32
CA ALA A 257 -6.80 -24.64 -0.98
C ALA A 257 -7.25 -23.90 -2.23
N PRO A 258 -8.01 -24.57 -3.10
CA PRO A 258 -8.58 -23.81 -4.20
C PRO A 258 -9.40 -22.64 -3.68
N TYR A 259 -9.49 -21.58 -4.46
CA TYR A 259 -10.02 -20.34 -3.90
C TYR A 259 -11.50 -20.48 -3.47
N SER A 260 -12.30 -21.28 -4.18
CA SER A 260 -13.68 -21.59 -3.76
C SER A 260 -13.75 -22.16 -2.33
N ALA A 261 -12.81 -23.05 -2.01
CA ALA A 261 -12.76 -23.61 -0.66
C ALA A 261 -12.33 -22.59 0.37
N ILE A 262 -11.42 -21.69 0.00
CA ILE A 262 -11.03 -20.58 0.89
C ILE A 262 -12.26 -19.71 1.20
N LYS A 263 -13.01 -19.34 0.16
CA LYS A 263 -14.23 -18.56 0.38
C LYS A 263 -15.23 -19.29 1.28
N GLU A 264 -15.42 -20.59 1.08
CA GLU A 264 -16.40 -21.29 1.90
CA GLU A 264 -16.35 -21.38 1.88
C GLU A 264 -15.94 -21.36 3.36
N ALA A 265 -14.64 -21.50 3.60
CA ALA A 265 -14.10 -21.55 4.96
C ALA A 265 -14.30 -20.22 5.69
N VAL A 266 -14.03 -19.10 5.01
CA VAL A 266 -14.21 -17.78 5.62
C VAL A 266 -15.67 -17.49 5.91
N LYS A 267 -16.53 -17.74 4.93
CA LYS A 267 -17.99 -17.60 5.12
C LYS A 267 -18.47 -18.36 6.32
N ALA A 268 -18.07 -19.64 6.43
CA ALA A 268 -18.50 -20.43 7.56
C ALA A 268 -18.10 -19.81 8.89
N ALA A 269 -16.88 -19.29 8.94
CA ALA A 269 -16.40 -18.68 10.19
C ALA A 269 -17.20 -17.40 10.49
N ALA A 270 -17.40 -16.58 9.45
CA ALA A 270 -18.09 -15.29 9.58
C ALA A 270 -19.55 -15.47 10.00
N LYS A 271 -20.18 -16.55 9.53
CA LYS A 271 -21.61 -16.77 9.85
C LYS A 271 -21.77 -17.46 11.18
N GLY A 272 -20.67 -18.06 11.65
CA GLY A 272 -20.70 -18.90 12.82
C GLY A 272 -19.88 -18.35 13.96
N PRO A 273 -18.81 -19.05 14.31
CA PRO A 273 -18.11 -18.75 15.56
C PRO A 273 -17.47 -17.35 15.62
N MET A 274 -17.17 -16.76 14.46
CA MET A 274 -16.55 -15.44 14.39
C MET A 274 -17.51 -14.33 13.95
N ALA A 275 -18.81 -14.58 14.08
CA ALA A 275 -19.83 -13.60 13.76
C ALA A 275 -19.56 -12.34 14.60
N GLY A 276 -19.60 -11.18 13.96
CA GLY A 276 -19.27 -9.89 14.59
C GLY A 276 -17.80 -9.54 14.64
N ILE A 277 -16.94 -10.53 14.41
CA ILE A 277 -15.50 -10.37 14.43
C ILE A 277 -14.97 -10.39 13.00
N LEU A 278 -15.24 -11.48 12.28
CA LEU A 278 -14.79 -11.64 10.90
C LEU A 278 -16.00 -11.58 9.99
N ALA A 279 -15.95 -10.71 8.99
CA ALA A 279 -17.00 -10.63 7.96
C ALA A 279 -16.44 -11.02 6.62
N TYR A 280 -17.32 -11.11 5.63
CA TYR A 280 -16.99 -11.64 4.32
C TYR A 280 -17.77 -10.78 3.34
N THR A 281 -17.09 -10.24 2.32
CA THR A 281 -17.76 -9.55 1.24
C THR A 281 -17.28 -10.01 -0.10
N GLU A 282 -18.16 -9.89 -1.09
CA GLU A 282 -17.80 -10.04 -2.49
C GLU A 282 -18.04 -8.75 -3.28
N ASP A 283 -18.28 -7.64 -2.58
CA ASP A 283 -18.51 -6.35 -3.25
C ASP A 283 -17.18 -5.68 -3.64
N GLU A 284 -17.30 -4.73 -4.57
CA GLU A 284 -16.14 -4.03 -5.13
C GLU A 284 -15.73 -2.87 -4.19
N VAL A 285 -15.26 -3.25 -3.01
CA VAL A 285 -15.06 -2.31 -1.91
C VAL A 285 -13.72 -1.53 -2.00
N VAL A 286 -13.70 -0.35 -1.37
CA VAL A 286 -12.48 0.42 -1.17
C VAL A 286 -12.48 0.89 0.29
N SER A 287 -11.40 1.52 0.72
CA SER A 287 -11.16 1.77 2.16
C SER A 287 -12.31 2.54 2.85
N THR A 288 -12.84 3.59 2.18
CA THR A 288 -13.88 4.42 2.83
C THR A 288 -15.13 3.64 3.13
N ASP A 289 -15.32 2.54 2.42
CA ASP A 289 -16.52 1.69 2.65
C ASP A 289 -16.54 1.01 4.00
N PHE A 290 -15.40 1.03 4.69
CA PHE A 290 -15.33 0.50 6.05
C PHE A 290 -15.26 1.50 7.21
N LEU A 291 -15.44 2.78 6.89
CA LEU A 291 -15.51 3.79 7.93
C LEU A 291 -16.71 3.49 8.84
N GLY A 292 -16.42 3.29 10.12
CA GLY A 292 -17.42 2.97 11.11
C GLY A 292 -17.80 1.50 11.20
N ASP A 293 -17.11 0.63 10.47
CA ASP A 293 -17.40 -0.80 10.55
C ASP A 293 -16.87 -1.34 11.86
N THR A 294 -17.70 -2.11 12.57
CA THR A 294 -17.34 -2.65 13.88
C THR A 294 -16.61 -4.02 13.84
N HIS A 295 -16.46 -4.63 12.66
CA HIS A 295 -15.77 -5.91 12.58
C HIS A 295 -14.28 -5.75 12.74
N SER A 296 -13.64 -6.81 13.22
CA SER A 296 -12.18 -6.84 13.29
C SER A 296 -11.48 -7.02 11.95
N SER A 297 -12.14 -7.72 11.02
CA SER A 297 -11.51 -8.22 9.81
C SER A 297 -12.66 -8.45 8.80
N ILE A 298 -12.57 -7.83 7.62
CA ILE A 298 -13.56 -8.03 6.56
C ILE A 298 -12.85 -8.56 5.31
N PHE A 299 -13.01 -9.85 5.08
CA PHE A 299 -12.36 -10.58 4.00
C PHE A 299 -12.93 -10.11 2.66
N ASP A 300 -12.05 -9.73 1.75
CA ASP A 300 -12.37 -9.16 0.44
C ASP A 300 -12.13 -10.29 -0.57
N ALA A 301 -13.22 -11.01 -0.88
CA ALA A 301 -13.13 -12.18 -1.79
C ALA A 301 -12.58 -11.85 -3.17
N LYS A 302 -13.05 -10.75 -3.78
CA LYS A 302 -12.62 -10.45 -5.13
C LYS A 302 -11.22 -9.89 -5.25
N ALA A 303 -10.63 -9.37 -4.16
CA ALA A 303 -9.32 -8.69 -4.25
C ALA A 303 -8.16 -9.70 -4.15
N GLY A 304 -8.43 -10.84 -3.56
CA GLY A 304 -7.40 -11.86 -3.37
C GLY A 304 -6.99 -12.51 -4.68
N ILE A 305 -5.86 -13.19 -4.62
N ILE A 305 -5.85 -13.20 -4.66
CA ILE A 305 -5.36 -13.88 -5.81
CA ILE A 305 -5.39 -13.86 -5.86
C ILE A 305 -4.65 -15.15 -5.38
C ILE A 305 -4.54 -15.06 -5.49
N ALA A 306 -4.77 -16.17 -6.21
CA ALA A 306 -4.06 -17.42 -5.99
C ALA A 306 -3.08 -17.64 -7.13
N LEU A 307 -1.86 -18.06 -6.80
CA LEU A 307 -0.94 -18.50 -7.82
C LEU A 307 -1.30 -19.95 -8.18
N ASN A 308 -1.54 -20.73 -7.14
CA ASN A 308 -1.90 -22.15 -7.27
C ASN A 308 -2.67 -22.57 -6.02
N ASP A 309 -3.01 -23.87 -5.93
CA ASP A 309 -3.77 -24.41 -4.79
C ASP A 309 -3.05 -24.35 -3.44
N ASN A 310 -1.75 -24.10 -3.42
CA ASN A 310 -1.02 -24.02 -2.13
C ASN A 310 -0.32 -22.66 -1.87
N PHE A 311 -0.59 -21.65 -2.69
CA PHE A 311 0.10 -20.37 -2.53
C PHE A 311 -0.84 -19.24 -2.94
N VAL A 312 -1.21 -18.46 -1.94
CA VAL A 312 -2.29 -17.52 -2.12
C VAL A 312 -2.06 -16.20 -1.39
N LYS A 313 -2.73 -15.17 -1.90
CA LYS A 313 -2.72 -13.83 -1.30
C LYS A 313 -4.14 -13.45 -0.92
N LEU A 314 -4.32 -13.22 0.39
CA LEU A 314 -5.63 -12.96 0.98
C LEU A 314 -5.70 -11.54 1.54
N ILE A 315 -6.82 -10.86 1.29
CA ILE A 315 -7.02 -9.46 1.58
C ILE A 315 -8.18 -9.29 2.55
N SER A 316 -7.94 -8.52 3.62
CA SER A 316 -8.92 -8.26 4.67
C SER A 316 -8.80 -6.84 5.24
N TRP A 317 -9.95 -6.16 5.31
CA TRP A 317 -10.05 -4.76 5.70
C TRP A 317 -10.32 -4.64 7.20
N TYR A 318 -10.05 -3.45 7.72
CA TYR A 318 -10.35 -3.09 9.08
C TYR A 318 -10.36 -1.59 9.28
N ASP A 319 -11.37 -1.09 9.99
CA ASP A 319 -11.35 0.25 10.48
C ASP A 319 -10.47 0.22 11.72
N ASN A 320 -9.23 0.68 11.55
CA ASN A 320 -8.19 0.55 12.60
C ASN A 320 -8.60 1.31 13.87
N GLU A 321 -9.36 2.39 13.74
CA GLU A 321 -9.78 3.14 14.93
C GLU A 321 -11.04 2.49 15.53
N TYR A 322 -12.02 2.22 14.69
CA TYR A 322 -13.40 1.93 15.15
C TYR A 322 -13.57 0.47 15.51
N GLY A 323 -13.04 -0.43 14.68
CA GLY A 323 -13.17 -1.84 14.96
C GLY A 323 -12.44 -2.20 16.23
N TYR A 324 -11.23 -1.67 16.35
CA TYR A 324 -10.40 -1.95 17.52
C TYR A 324 -11.07 -1.40 18.78
N SER A 325 -11.66 -0.21 18.71
CA SER A 325 -12.32 0.39 19.90
C SER A 325 -13.50 -0.49 20.36
N HIS A 326 -14.26 -1.02 19.41
CA HIS A 326 -15.32 -1.96 19.74
C HIS A 326 -14.75 -3.22 20.39
N ARG A 327 -13.61 -3.71 19.91
CA ARG A 327 -12.99 -4.89 20.52
C ARG A 327 -12.50 -4.64 21.94
N VAL A 328 -11.99 -3.44 22.20
CA VAL A 328 -11.63 -3.07 23.59
C VAL A 328 -12.86 -3.23 24.49
N VAL A 329 -14.00 -2.72 24.06
CA VAL A 329 -15.23 -2.82 24.85
C VAL A 329 -15.71 -4.28 24.97
N ASP A 330 -15.62 -5.03 23.87
CA ASP A 330 -15.95 -6.45 23.94
C ASP A 330 -15.02 -7.22 24.92
N LEU A 331 -13.74 -6.91 24.93
CA LEU A 331 -12.82 -7.56 25.87
C LEU A 331 -13.16 -7.20 27.33
N LEU A 332 -13.49 -5.94 27.59
CA LEU A 332 -13.86 -5.50 28.95
C LEU A 332 -15.09 -6.27 29.46
N ARG A 333 -16.09 -6.39 28.61
CA ARG A 333 -17.33 -7.06 28.99
C ARG A 333 -17.06 -8.55 29.20
N TYR A 334 -16.23 -9.12 28.35
CA TYR A 334 -15.82 -10.50 28.54
C TYR A 334 -15.09 -10.71 29.87
N MET A 335 -14.11 -9.84 30.15
CA MET A 335 -13.35 -9.96 31.40
C MET A 335 -14.29 -9.86 32.60
N PHE A 336 -15.18 -8.88 32.57
CA PHE A 336 -16.09 -8.68 33.69
C PHE A 336 -16.93 -9.92 33.94
N SER A 337 -17.45 -10.52 32.88
CA SER A 337 -18.25 -11.75 33.03
C SER A 337 -17.43 -12.92 33.56
N ARG A 338 -16.15 -13.01 33.21
CA ARG A 338 -15.28 -14.08 33.71
C ARG A 338 -14.84 -13.80 35.16
N ASP A 339 -14.68 -12.51 35.50
CA ASP A 339 -14.25 -12.13 36.85
C ASP A 339 -15.30 -12.50 37.90
N ALA A 340 -16.55 -12.68 37.46
CA ALA A 340 -17.57 -13.34 38.30
C ALA A 340 -17.41 -14.87 38.32
N GLU A 341 -16.35 -15.36 38.97
CA GLU A 341 -16.09 -16.81 39.11
C GLU A 341 -15.44 -17.13 40.47
N ARG B 6 20.12 9.32 -40.50
CA ARG B 6 20.88 8.20 -39.88
C ARG B 6 21.12 8.51 -38.41
N GLU B 7 20.18 9.21 -37.79
CA GLU B 7 20.13 9.38 -36.34
C GLU B 7 18.72 9.01 -35.85
N LEU B 8 18.63 8.62 -34.60
CA LEU B 8 17.34 8.37 -33.96
C LEU B 8 16.55 9.67 -33.95
N THR B 9 15.30 9.61 -34.44
CA THR B 9 14.34 10.69 -34.29
C THR B 9 13.07 10.14 -33.70
N VAL B 10 12.42 10.98 -32.90
CA VAL B 10 11.32 10.51 -32.09
C VAL B 10 10.06 11.37 -32.29
N GLY B 11 8.93 10.66 -32.39
CA GLY B 11 7.63 11.28 -32.44
C GLY B 11 6.84 10.79 -31.22
N ILE B 12 6.14 11.70 -30.55
CA ILE B 12 5.35 11.33 -29.39
C ILE B 12 3.87 11.50 -29.68
N ASN B 13 3.10 10.43 -29.46
CA ASN B 13 1.66 10.48 -29.55
C ASN B 13 1.03 10.35 -28.18
N GLY B 14 0.43 11.46 -27.76
CA GLY B 14 -0.14 11.59 -26.44
C GLY B 14 0.85 12.27 -25.50
N PHE B 15 0.64 13.55 -25.28
CA PHE B 15 1.60 14.40 -24.56
C PHE B 15 1.14 14.52 -23.09
N GLY B 16 1.03 13.37 -22.43
CA GLY B 16 0.53 13.29 -21.07
C GLY B 16 1.64 13.19 -20.05
N ARG B 17 1.37 12.56 -18.93
CA ARG B 17 2.43 12.37 -17.89
C ARG B 17 3.66 11.71 -18.55
N ILE B 18 3.45 10.58 -19.23
CA ILE B 18 4.56 9.85 -19.87
C ILE B 18 5.08 10.62 -21.07
N GLY B 19 4.18 11.09 -21.93
CA GLY B 19 4.61 11.81 -23.10
C GLY B 19 5.48 13.02 -22.81
N ARG B 20 5.10 13.81 -21.81
CA ARG B 20 5.89 15.00 -21.47
C ARG B 20 7.18 14.61 -20.78
N LEU B 21 7.15 13.59 -19.94
CA LEU B 21 8.36 13.21 -19.25
C LEU B 21 9.32 12.45 -20.19
N VAL B 22 8.78 11.75 -21.19
CA VAL B 22 9.61 11.23 -22.29
C VAL B 22 10.34 12.35 -23.00
N LEU B 23 9.66 13.47 -23.25
CA LEU B 23 10.32 14.62 -23.87
C LEU B 23 11.39 15.15 -22.94
N ARG B 24 11.11 15.26 -21.65
CA ARG B 24 12.16 15.70 -20.72
C ARG B 24 13.39 14.77 -20.78
N ALA B 25 13.14 13.46 -20.72
CA ALA B 25 14.26 12.50 -20.81
C ALA B 25 15.04 12.60 -22.12
N CYS B 26 14.34 12.81 -23.25
CA CYS B 26 15.01 12.95 -24.53
C CYS B 26 15.91 14.18 -24.52
N MET B 27 15.41 15.27 -23.93
CA MET B 27 16.22 16.49 -23.83
C MET B 27 17.48 16.23 -23.00
N GLU B 28 17.32 15.51 -21.89
CA GLU B 28 18.42 15.17 -20.98
CA GLU B 28 18.43 15.17 -20.98
C GLU B 28 19.45 14.27 -21.68
N LYS B 29 18.95 13.31 -22.45
CA LYS B 29 19.82 12.32 -23.11
C LYS B 29 20.26 12.70 -24.54
N GLY B 30 19.83 13.87 -25.02
CA GLY B 30 20.21 14.32 -26.35
C GLY B 30 19.59 13.55 -27.50
N VAL B 31 18.38 13.05 -27.30
CA VAL B 31 17.62 12.35 -28.31
C VAL B 31 16.72 13.37 -29.01
N LYS B 32 16.73 13.35 -30.33
CA LYS B 32 15.99 14.34 -31.13
C LYS B 32 14.53 13.98 -31.22
N VAL B 33 13.67 14.84 -30.66
CA VAL B 33 12.23 14.73 -30.82
C VAL B 33 11.80 15.66 -31.93
N VAL B 34 11.19 15.10 -32.97
CA VAL B 34 10.84 15.90 -34.13
C VAL B 34 9.39 16.32 -34.11
N ALA B 35 8.56 15.63 -33.34
CA ALA B 35 7.14 15.96 -33.37
C ALA B 35 6.35 15.38 -32.20
N VAL B 36 5.33 16.13 -31.80
CA VAL B 36 4.42 15.73 -30.77
C VAL B 36 3.02 15.88 -31.29
N ASN B 37 2.20 14.87 -31.01
CA ASN B 37 0.79 14.89 -31.40
C ASN B 37 -0.10 14.75 -30.17
N ASP B 38 -1.01 15.71 -30.01
CA ASP B 38 -2.07 15.57 -29.03
C ASP B 38 -3.23 16.46 -29.42
N PRO B 39 -4.41 15.88 -29.66
CA PRO B 39 -5.55 16.66 -30.13
C PRO B 39 -6.16 17.55 -29.07
N PHE B 40 -5.77 17.34 -27.80
CA PHE B 40 -6.35 18.10 -26.69
C PHE B 40 -5.47 19.21 -26.17
N ILE B 41 -4.30 19.40 -26.79
CA ILE B 41 -3.34 20.41 -26.31
C ILE B 41 -2.74 21.14 -27.50
N ASP B 42 -3.13 22.40 -27.69
CA ASP B 42 -2.59 23.24 -28.77
C ASP B 42 -1.17 23.65 -28.47
N PRO B 43 -0.45 24.20 -29.47
CA PRO B 43 0.97 24.48 -29.22
C PRO B 43 1.26 25.42 -28.04
N GLU B 44 0.52 26.53 -27.94
CA GLU B 44 0.70 27.48 -26.83
C GLU B 44 0.42 26.80 -25.49
N TYR B 45 -0.60 25.95 -25.45
CA TYR B 45 -0.94 25.24 -24.22
C TYR B 45 0.13 24.16 -23.92
N MET B 46 0.70 23.54 -24.97
CA MET B 46 1.81 22.60 -24.75
C MET B 46 2.96 23.25 -24.02
N VAL B 47 3.30 24.50 -24.40
CA VAL B 47 4.34 25.23 -23.68
C VAL B 47 4.09 25.26 -22.18
N TYR B 48 2.87 25.65 -21.81
CA TYR B 48 2.47 25.71 -20.40
C TYR B 48 2.52 24.35 -19.71
N MET B 49 2.00 23.33 -20.36
CA MET B 49 1.94 21.98 -19.74
C MET B 49 3.33 21.35 -19.57
N PHE B 50 4.24 21.66 -20.50
CA PHE B 50 5.60 21.18 -20.41
C PHE B 50 6.45 21.97 -19.42
N LYS B 51 6.27 23.29 -19.39
CA LYS B 51 7.02 24.19 -18.53
CA LYS B 51 7.03 24.18 -18.52
C LYS B 51 6.80 23.96 -17.04
N TYR B 52 5.52 23.78 -16.66
CA TYR B 52 5.13 23.66 -15.28
C TYR B 52 4.61 22.25 -15.00
N ASP B 53 5.13 21.66 -13.96
CA ASP B 53 4.77 20.30 -13.56
C ASP B 53 4.58 20.21 -12.05
N SER B 54 3.40 19.74 -11.62
CA SER B 54 3.13 19.71 -10.20
C SER B 54 4.03 18.77 -9.41
N THR B 55 4.47 17.70 -10.09
CA THR B 55 5.23 16.64 -9.48
C THR B 55 6.74 16.81 -9.63
N HIS B 56 7.16 17.22 -10.80
CA HIS B 56 8.60 17.23 -11.17
C HIS B 56 9.18 18.61 -11.34
N GLY B 57 8.43 19.63 -10.94
CA GLY B 57 8.93 21.00 -10.99
C GLY B 57 8.98 21.64 -12.36
N ARG B 58 9.42 22.91 -12.39
CA ARG B 58 9.50 23.66 -13.65
C ARG B 58 10.60 23.10 -14.52
N TYR B 59 10.35 23.05 -15.82
CA TYR B 59 11.37 22.58 -16.75
C TYR B 59 12.55 23.55 -16.67
N LYS B 60 13.76 23.02 -16.54
CA LYS B 60 14.96 23.84 -16.35
C LYS B 60 15.57 24.09 -17.72
N GLY B 61 15.08 25.11 -18.39
CA GLY B 61 15.48 25.42 -19.76
C GLY B 61 14.43 26.34 -20.36
N SER B 62 14.50 26.58 -21.65
CA SER B 62 13.57 27.49 -22.31
C SER B 62 12.48 26.72 -23.02
N VAL B 63 11.25 27.22 -22.90
CA VAL B 63 10.10 26.66 -23.60
C VAL B 63 9.30 27.81 -24.21
N GLU B 64 9.08 27.77 -25.51
CA GLU B 64 8.35 28.83 -26.24
C GLU B 64 7.57 28.19 -27.36
N PHE B 65 6.61 28.94 -27.92
CA PHE B 65 6.01 28.51 -29.19
C PHE B 65 6.12 29.57 -30.29
N ARG B 66 6.16 29.10 -31.53
CA ARG B 66 6.04 29.96 -32.71
C ARG B 66 5.93 29.13 -33.97
N ASN B 67 5.27 29.68 -34.99
CA ASN B 67 5.11 29.02 -36.28
C ASN B 67 4.44 27.66 -36.16
N GLY B 68 3.50 27.54 -35.23
CA GLY B 68 2.82 26.27 -34.96
C GLY B 68 3.71 25.19 -34.36
N GLN B 69 4.82 25.62 -33.73
CA GLN B 69 5.81 24.69 -33.17
C GLN B 69 6.08 24.95 -31.70
N LEU B 70 6.48 23.88 -31.03
CA LEU B 70 6.96 23.92 -29.66
C LEU B 70 8.47 23.96 -29.75
N VAL B 71 9.09 24.89 -29.01
CA VAL B 71 10.52 25.10 -29.08
C VAL B 71 11.09 24.97 -27.70
N VAL B 72 11.87 23.91 -27.52
CA VAL B 72 12.44 23.61 -26.22
C VAL B 72 13.94 23.68 -26.35
N ASP B 73 14.56 24.51 -25.52
CA ASP B 73 16.01 24.76 -25.57
C ASP B 73 16.49 24.96 -27.01
N ASN B 74 15.72 25.74 -27.77
CA ASN B 74 15.99 26.09 -29.18
C ASN B 74 15.77 24.96 -30.18
N HIS B 75 15.36 23.78 -29.72
CA HIS B 75 14.98 22.70 -30.63
CA HIS B 75 14.98 22.67 -30.61
C HIS B 75 13.53 22.86 -31.05
N GLU B 76 13.28 22.95 -32.34
CA GLU B 76 11.94 23.08 -32.89
C GLU B 76 11.28 21.72 -33.02
N ILE B 77 10.07 21.60 -32.49
CA ILE B 77 9.32 20.38 -32.47
C ILE B 77 7.98 20.65 -33.14
N SER B 78 7.65 19.89 -34.18
CA SER B 78 6.39 20.07 -34.85
C SER B 78 5.26 19.60 -33.94
N VAL B 79 4.14 20.28 -34.01
CA VAL B 79 3.02 19.95 -33.17
C VAL B 79 1.85 19.60 -34.04
N TYR B 80 1.34 18.38 -33.89
CA TYR B 80 0.14 17.97 -34.60
C TYR B 80 -1.02 17.82 -33.63
N GLN B 81 -2.23 17.78 -34.19
CA GLN B 81 -3.45 17.89 -33.40
C GLN B 81 -4.47 16.81 -33.77
N CYS B 82 -3.99 15.60 -34.08
CA CYS B 82 -4.82 14.53 -34.65
C CYS B 82 -5.39 13.57 -33.62
N LYS B 83 -6.64 13.14 -33.85
CA LYS B 83 -7.37 12.27 -32.93
C LYS B 83 -7.14 10.77 -33.18
N GLU B 84 -6.62 10.43 -34.36
CA GLU B 84 -6.40 9.03 -34.75
C GLU B 84 -4.99 8.89 -35.32
N PRO B 85 -4.29 7.80 -34.98
CA PRO B 85 -2.96 7.58 -35.54
C PRO B 85 -2.86 7.66 -37.08
N LYS B 86 -3.88 7.18 -37.79
CA LYS B 86 -3.89 7.21 -39.27
C LYS B 86 -3.91 8.64 -39.81
N GLN B 87 -4.29 9.62 -38.98
CA GLN B 87 -4.32 11.03 -39.38
C GLN B 87 -2.95 11.69 -39.24
N ILE B 88 -2.06 11.14 -38.42
CA ILE B 88 -0.80 11.84 -38.11
C ILE B 88 0.19 11.80 -39.25
N PRO B 89 0.72 12.97 -39.65
CA PRO B 89 1.63 13.02 -40.78
C PRO B 89 3.08 12.69 -40.46
N TRP B 90 3.36 11.47 -40.00
CA TRP B 90 4.75 11.17 -39.62
C TRP B 90 5.78 11.29 -40.75
N ARG B 91 5.37 11.06 -42.01
CA ARG B 91 6.28 11.17 -43.14
C ARG B 91 6.85 12.58 -43.28
N ALA B 92 6.03 13.57 -42.94
CA ALA B 92 6.43 14.97 -42.96
C ALA B 92 7.68 15.29 -42.09
N VAL B 93 7.91 14.48 -41.05
CA VAL B 93 9.04 14.70 -40.14
C VAL B 93 10.05 13.56 -40.24
N GLY B 94 10.04 12.88 -41.38
CA GLY B 94 11.12 11.95 -41.74
C GLY B 94 11.11 10.60 -41.08
N SER B 95 9.92 10.02 -40.95
CA SER B 95 9.73 8.65 -40.45
C SER B 95 10.38 8.33 -39.10
N PRO B 96 9.92 9.02 -38.06
CA PRO B 96 10.49 8.85 -36.74
C PRO B 96 10.10 7.54 -36.08
N TYR B 97 10.81 7.21 -35.01
CA TYR B 97 10.38 6.15 -34.08
C TYR B 97 9.28 6.78 -33.23
N VAL B 98 8.13 6.13 -33.10
CA VAL B 98 7.00 6.75 -32.42
C VAL B 98 6.72 6.15 -31.03
N VAL B 99 6.56 7.02 -30.03
CA VAL B 99 6.08 6.61 -28.72
C VAL B 99 4.57 6.74 -28.71
N GLU B 100 3.89 5.63 -28.47
CA GLU B 100 2.46 5.58 -28.36
C GLU B 100 2.10 5.61 -26.87
N SER B 101 1.83 6.84 -26.38
CA SER B 101 1.60 7.11 -24.94
C SER B 101 0.23 7.76 -24.70
N THR B 102 -0.73 7.42 -25.55
CA THR B 102 -2.12 7.89 -25.37
C THR B 102 -2.90 7.05 -24.37
N GLY B 103 -2.48 5.80 -24.21
CA GLY B 103 -3.21 4.83 -23.43
C GLY B 103 -4.32 4.09 -24.15
N VAL B 104 -4.61 4.47 -25.39
CA VAL B 104 -5.77 3.87 -26.08
C VAL B 104 -5.49 3.08 -27.34
N TYR B 105 -4.22 2.99 -27.77
CA TYR B 105 -3.83 2.18 -28.94
C TYR B 105 -2.80 1.10 -28.56
N LEU B 106 -3.29 0.04 -27.93
CA LEU B 106 -2.43 -0.88 -27.17
C LEU B 106 -2.08 -2.16 -27.95
N SER B 107 -2.87 -2.46 -28.97
CA SER B 107 -2.65 -3.68 -29.79
C SER B 107 -1.79 -3.44 -31.03
N ILE B 108 -1.27 -4.52 -31.60
CA ILE B 108 -0.51 -4.42 -32.83
C ILE B 108 -1.39 -3.77 -33.89
N GLN B 109 -2.65 -4.21 -33.97
CA GLN B 109 -3.57 -3.70 -35.01
C GLN B 109 -3.81 -2.19 -34.86
N ALA B 110 -4.05 -1.74 -33.64
CA ALA B 110 -4.31 -0.33 -33.39
C ALA B 110 -3.04 0.50 -33.67
N ALA B 111 -1.90 0.00 -33.20
CA ALA B 111 -0.64 0.74 -33.36
C ALA B 111 -0.08 0.72 -34.76
N SER B 112 -0.52 -0.25 -35.58
CA SER B 112 -0.02 -0.41 -36.93
C SER B 112 -0.39 0.76 -37.83
N ASP B 113 -1.50 1.44 -37.55
CA ASP B 113 -1.82 2.65 -38.28
C ASP B 113 -0.71 3.72 -38.23
N HIS B 114 0.10 3.75 -37.16
CA HIS B 114 1.25 4.66 -37.16
C HIS B 114 2.27 4.30 -38.23
N ILE B 115 2.49 3.00 -38.39
CA ILE B 115 3.42 2.52 -39.42
C ILE B 115 2.94 2.93 -40.82
N SER B 116 1.66 2.71 -41.08
CA SER B 116 1.12 3.08 -42.39
C SER B 116 1.02 4.60 -42.58
N ALA B 117 1.02 5.36 -41.49
CA ALA B 117 1.13 6.82 -41.56
C ALA B 117 2.58 7.32 -41.64
N GLY B 118 3.54 6.41 -41.70
CA GLY B 118 4.95 6.82 -41.89
C GLY B 118 5.91 6.61 -40.73
N ALA B 119 5.45 6.11 -39.58
CA ALA B 119 6.35 5.78 -38.47
C ALA B 119 7.26 4.63 -38.89
N GLN B 120 8.54 4.71 -38.52
CA GLN B 120 9.49 3.63 -38.76
C GLN B 120 9.29 2.46 -37.76
N ARG B 121 9.06 2.81 -36.50
CA ARG B 121 8.77 1.85 -35.43
C ARG B 121 7.74 2.48 -34.46
N VAL B 122 7.11 1.64 -33.65
CA VAL B 122 6.31 2.13 -32.53
C VAL B 122 6.71 1.45 -31.21
N VAL B 123 6.84 2.25 -30.15
CA VAL B 123 7.03 1.75 -28.80
C VAL B 123 5.76 2.13 -28.06
N ILE B 124 4.97 1.13 -27.71
CA ILE B 124 3.76 1.31 -26.92
C ILE B 124 4.20 1.47 -25.45
N SER B 125 3.77 2.56 -24.82
CA SER B 125 4.20 2.90 -23.44
C SER B 125 3.35 2.23 -22.36
N ALA B 126 3.04 0.95 -22.58
CA ALA B 126 2.17 0.15 -21.71
C ALA B 126 2.26 -1.28 -22.20
N PRO B 127 1.81 -2.26 -21.37
CA PRO B 127 1.62 -3.61 -21.85
C PRO B 127 0.68 -3.67 -23.05
N SER B 128 0.98 -4.62 -23.92
CA SER B 128 0.15 -4.87 -25.11
C SER B 128 -0.43 -6.28 -25.00
N PRO B 129 -1.66 -6.51 -25.49
CA PRO B 129 -2.17 -7.89 -25.58
C PRO B 129 -1.37 -8.77 -26.52
N ASP B 130 -0.66 -8.18 -27.47
CA ASP B 130 0.04 -9.00 -28.46
C ASP B 130 1.40 -8.49 -28.94
N ALA B 131 1.69 -7.20 -28.86
CA ALA B 131 3.02 -6.74 -29.29
C ALA B 131 4.09 -7.31 -28.32
N PRO B 132 5.29 -7.62 -28.84
CA PRO B 132 6.32 -8.11 -27.94
C PRO B 132 6.77 -7.06 -26.93
N MET B 133 6.98 -7.52 -25.71
CA MET B 133 7.28 -6.67 -24.60
C MET B 133 8.74 -6.79 -24.18
N PHE B 134 9.31 -5.67 -23.79
CA PHE B 134 10.71 -5.55 -23.38
C PHE B 134 10.88 -4.74 -22.10
N VAL B 135 11.82 -5.20 -21.28
CA VAL B 135 12.26 -4.52 -20.09
C VAL B 135 13.76 -4.43 -20.19
N MET B 136 14.28 -3.20 -20.23
CA MET B 136 15.71 -2.95 -20.30
C MET B 136 16.39 -3.57 -19.08
N GLY B 137 17.52 -4.23 -19.33
CA GLY B 137 18.23 -5.00 -18.33
C GLY B 137 17.77 -6.42 -18.13
N VAL B 138 16.67 -6.81 -18.80
CA VAL B 138 16.08 -8.14 -18.63
C VAL B 138 16.04 -8.92 -19.96
N ASN B 139 15.40 -8.36 -20.98
CA ASN B 139 15.28 -9.10 -22.25
C ASN B 139 15.39 -8.27 -23.53
N GLU B 140 16.03 -7.11 -23.48
CA GLU B 140 16.07 -6.26 -24.70
C GLU B 140 16.80 -6.93 -25.86
N ASN B 141 17.73 -7.83 -25.54
CA ASN B 141 18.45 -8.57 -26.58
C ASN B 141 17.53 -9.41 -27.44
N ASP B 142 16.33 -9.72 -26.95
CA ASP B 142 15.37 -10.49 -27.73
C ASP B 142 14.64 -9.67 -28.78
N TYR B 143 14.89 -8.37 -28.84
CA TYR B 143 14.36 -7.52 -29.90
C TYR B 143 15.02 -7.90 -31.22
N ASN B 144 14.22 -7.95 -32.29
CA ASN B 144 14.72 -8.32 -33.65
C ASN B 144 14.33 -7.23 -34.65
N PRO B 145 15.31 -6.40 -35.06
CA PRO B 145 15.08 -5.27 -35.98
C PRO B 145 14.37 -5.64 -37.29
N GLY B 146 14.57 -6.86 -37.74
CA GLY B 146 13.99 -7.25 -39.00
C GLY B 146 12.56 -7.71 -38.91
N SER B 147 12.08 -8.01 -37.71
CA SER B 147 10.74 -8.62 -37.60
C SER B 147 9.77 -7.86 -36.76
N MET B 148 10.25 -6.88 -36.00
CA MET B 148 9.39 -6.16 -35.07
C MET B 148 9.42 -4.67 -35.35
N ASN B 149 8.34 -4.13 -35.86
CA ASN B 149 8.24 -2.70 -35.94
C ASN B 149 7.34 -2.10 -34.85
N ILE B 150 6.61 -2.96 -34.12
CA ILE B 150 5.71 -2.50 -33.01
C ILE B 150 6.03 -3.28 -31.75
N VAL B 151 6.52 -2.61 -30.73
CA VAL B 151 6.91 -3.26 -29.50
C VAL B 151 6.28 -2.54 -28.30
N SER B 152 6.37 -3.16 -27.14
CA SER B 152 5.88 -2.59 -25.92
C SER B 152 6.99 -2.51 -24.89
N ASN B 153 7.01 -1.42 -24.12
CA ASN B 153 7.98 -1.27 -23.02
C ASN B 153 7.40 -1.71 -21.68
N ALA B 154 6.36 -2.54 -21.74
CA ALA B 154 5.69 -3.09 -20.55
C ALA B 154 5.13 -1.95 -19.68
N SER B 155 5.03 -2.16 -18.38
CA SER B 155 4.48 -1.15 -17.48
C SER B 155 5.57 -0.71 -16.53
N CYS B 156 5.28 0.33 -15.76
CA CYS B 156 6.16 0.80 -14.70
C CYS B 156 6.41 -0.32 -13.68
N THR B 157 5.36 -0.97 -13.20
CA THR B 157 5.53 -2.06 -12.25
C THR B 157 6.39 -3.24 -12.78
N THR B 158 6.17 -3.63 -14.02
CA THR B 158 6.97 -4.68 -14.61
C THR B 158 8.41 -4.29 -14.69
N ASN B 159 8.67 -3.03 -14.99
CA ASN B 159 10.05 -2.52 -15.07
C ASN B 159 10.72 -2.51 -13.72
N CYS B 160 9.94 -2.38 -12.67
CA CYS B 160 10.51 -2.47 -11.27
C CYS B 160 10.74 -3.94 -10.88
N LEU B 161 9.71 -4.75 -11.07
CA LEU B 161 9.73 -6.14 -10.63
C LEU B 161 10.73 -7.04 -11.39
N ALA B 162 10.72 -6.94 -12.72
CA ALA B 162 11.46 -7.87 -13.55
C ALA B 162 12.96 -7.86 -13.30
N PRO B 163 13.59 -6.68 -13.20
CA PRO B 163 15.04 -6.70 -12.92
C PRO B 163 15.38 -7.36 -11.59
N LEU B 164 14.57 -7.11 -10.56
CA LEU B 164 14.81 -7.71 -9.26
C LEU B 164 14.57 -9.23 -9.34
N ALA B 165 13.49 -9.62 -9.99
CA ALA B 165 13.13 -11.04 -10.14
C ALA B 165 14.20 -11.80 -10.91
N LYS B 166 14.77 -11.15 -11.94
CA LYS B 166 15.89 -11.73 -12.70
C LYS B 166 17.09 -11.98 -11.81
N VAL B 167 17.50 -10.99 -11.03
CA VAL B 167 18.61 -11.14 -10.08
C VAL B 167 18.41 -12.29 -9.07
N ILE B 168 17.24 -12.28 -8.44
CA ILE B 168 16.90 -13.27 -7.45
C ILE B 168 16.72 -14.67 -8.05
N HIS B 169 16.09 -14.75 -9.22
CA HIS B 169 15.87 -16.06 -9.82
C HIS B 169 17.18 -16.68 -10.29
N GLU B 170 18.08 -15.86 -10.83
CA GLU B 170 19.32 -16.37 -11.36
C GLU B 170 20.29 -16.79 -10.27
N ARG B 171 20.27 -16.09 -9.13
CA ARG B 171 21.15 -16.42 -8.01
C ARG B 171 20.61 -17.57 -7.14
N PHE B 172 19.32 -17.53 -6.81
CA PHE B 172 18.73 -18.44 -5.83
C PHE B 172 17.65 -19.39 -6.35
N GLY B 173 17.00 -19.04 -7.46
CA GLY B 173 15.86 -19.78 -7.95
C GLY B 173 14.54 -19.38 -7.28
N ILE B 174 13.63 -18.76 -8.04
CA ILE B 174 12.28 -18.50 -7.55
C ILE B 174 11.39 -19.71 -7.81
N VAL B 175 10.90 -20.32 -6.73
CA VAL B 175 9.98 -21.46 -6.83
C VAL B 175 8.58 -20.93 -7.11
N GLU B 176 8.19 -19.92 -6.33
CA GLU B 176 6.92 -19.24 -6.53
C GLU B 176 6.97 -17.88 -5.84
N GLY B 177 6.19 -16.93 -6.36
CA GLY B 177 6.17 -15.60 -5.80
C GLY B 177 4.86 -14.91 -6.07
N LEU B 178 4.47 -14.05 -5.15
CA LEU B 178 3.27 -13.23 -5.29
C LEU B 178 3.69 -11.80 -4.95
N MET B 179 3.23 -10.84 -5.74
CA MET B 179 3.61 -9.48 -5.49
C MET B 179 2.44 -8.54 -5.26
N THR B 180 2.67 -7.51 -4.47
CA THR B 180 1.78 -6.35 -4.39
C THR B 180 2.57 -5.12 -4.77
N THR B 181 1.94 -4.21 -5.49
CA THR B 181 2.48 -2.87 -5.63
C THR B 181 1.56 -1.88 -4.93
N VAL B 182 2.13 -1.06 -4.04
CA VAL B 182 1.43 0.07 -3.43
C VAL B 182 1.80 1.24 -4.32
N HIS B 183 0.81 1.72 -5.07
CA HIS B 183 1.07 2.51 -6.25
C HIS B 183 0.32 3.86 -6.18
N SER B 184 0.98 4.91 -6.68
CA SER B 184 0.40 6.23 -6.70
C SER B 184 -0.76 6.26 -7.69
N TYR B 185 -1.70 7.15 -7.45
CA TYR B 185 -2.76 7.32 -8.42
C TYR B 185 -2.27 7.87 -9.76
N THR B 186 -3.08 7.59 -10.78
CA THR B 186 -2.80 8.01 -12.13
C THR B 186 -3.98 8.71 -12.81
N ALA B 187 -3.73 9.17 -14.02
CA ALA B 187 -4.71 9.90 -14.86
C ALA B 187 -6.02 9.12 -15.16
N THR B 188 -5.97 7.80 -15.13
CA THR B 188 -7.17 6.99 -15.33
C THR B 188 -8.13 7.04 -14.16
N GLN B 189 -7.66 7.46 -12.99
CA GLN B 189 -8.48 7.54 -11.79
C GLN B 189 -9.26 8.86 -11.72
N LYS B 190 -10.15 8.95 -10.73
CA LYS B 190 -11.12 10.05 -10.59
C LYS B 190 -10.88 10.84 -9.31
N THR B 191 -11.15 12.14 -9.38
CA THR B 191 -10.99 12.98 -8.18
C THR B 191 -12.05 12.70 -7.12
N VAL B 192 -13.23 12.41 -7.59
CA VAL B 192 -14.38 12.06 -6.76
C VAL B 192 -15.07 10.82 -7.36
N ASP B 193 -15.88 10.12 -6.57
CA ASP B 193 -16.53 8.90 -7.03
C ASP B 193 -17.24 9.12 -8.38
N GLY B 194 -16.79 8.44 -9.40
CA GLY B 194 -17.39 8.53 -10.74
C GLY B 194 -17.33 7.24 -11.53
N PRO B 195 -17.84 7.27 -12.77
CA PRO B 195 -18.01 6.02 -13.50
C PRO B 195 -16.72 5.43 -14.04
N SER B 196 -16.60 4.13 -13.85
CA SER B 196 -15.51 3.31 -14.36
C SER B 196 -16.12 1.89 -14.59
N ARG B 197 -16.95 1.75 -15.63
CA ARG B 197 -17.76 0.51 -15.77
C ARG B 197 -16.94 -0.76 -15.94
N LYS B 198 -15.71 -0.61 -16.42
CA LYS B 198 -14.85 -1.75 -16.70
C LYS B 198 -14.06 -2.18 -15.48
N ALA B 199 -13.97 -1.30 -14.47
CA ALA B 199 -13.24 -1.58 -13.25
C ALA B 199 -13.80 -0.68 -12.14
N TRP B 200 -14.81 -1.16 -11.43
CA TRP B 200 -15.62 -0.30 -10.58
C TRP B 200 -14.83 0.39 -9.47
N ARG B 201 -13.85 -0.31 -8.89
CA ARG B 201 -13.14 0.28 -7.76
C ARG B 201 -12.34 1.48 -8.26
N ASP B 202 -11.93 1.44 -9.54
CA ASP B 202 -11.06 2.47 -10.08
C ASP B 202 -11.82 3.80 -10.28
N GLY B 203 -13.16 3.78 -10.17
CA GLY B 203 -13.97 5.00 -10.25
C GLY B 203 -14.00 5.76 -8.95
N ARG B 204 -13.66 5.09 -7.87
CA ARG B 204 -13.81 5.68 -6.53
C ARG B 204 -12.76 6.78 -6.29
N GLY B 205 -13.11 7.78 -5.51
CA GLY B 205 -12.20 8.95 -5.33
C GLY B 205 -10.78 8.54 -5.00
N ALA B 206 -9.83 8.98 -5.82
CA ALA B 206 -8.44 8.53 -5.78
C ALA B 206 -7.73 9.04 -4.54
N HIS B 207 -8.13 10.22 -4.08
CA HIS B 207 -7.45 10.92 -2.98
CA HIS B 207 -7.43 10.88 -3.00
C HIS B 207 -7.99 10.50 -1.63
N GLN B 208 -9.13 9.83 -1.60
CA GLN B 208 -9.79 9.43 -0.37
C GLN B 208 -9.57 7.99 0.02
N ASN B 209 -9.12 7.18 -0.94
CA ASN B 209 -9.19 5.72 -0.80
C ASN B 209 -7.91 4.99 -1.04
N ILE B 210 -7.75 3.89 -0.31
CA ILE B 210 -6.91 2.75 -0.72
C ILE B 210 -7.79 1.88 -1.61
N ILE B 211 -7.32 1.66 -2.82
CA ILE B 211 -8.11 0.99 -3.88
C ILE B 211 -7.42 -0.25 -4.45
N PRO B 212 -7.94 -1.45 -4.16
CA PRO B 212 -7.39 -2.63 -4.80
C PRO B 212 -7.58 -2.57 -6.31
N ALA B 213 -6.58 -3.02 -7.06
CA ALA B 213 -6.64 -2.98 -8.53
C ALA B 213 -5.82 -4.10 -9.14
N SER B 214 -6.45 -4.75 -10.14
N SER B 214 -5.89 -4.09 -10.47
CA SER B 214 -5.83 -5.87 -10.82
CA SER B 214 -4.94 -4.77 -11.35
C SER B 214 -4.67 -5.34 -11.62
C SER B 214 -3.59 -4.07 -11.53
N THR B 215 -3.64 -6.17 -11.79
N THR B 215 -2.57 -4.86 -11.88
CA THR B 215 -2.54 -5.81 -12.67
CA THR B 215 -1.28 -4.33 -12.29
C THR B 215 -1.96 -7.09 -13.21
C THR B 215 -0.83 -4.99 -13.61
N GLY B 216 -1.68 -7.08 -14.52
N GLY B 216 -0.30 -4.19 -14.53
CA GLY B 216 -1.02 -8.20 -15.16
CA GLY B 216 0.17 -4.70 -15.81
C GLY B 216 0.48 -8.05 -15.03
C GLY B 216 1.24 -5.75 -15.61
N ALA B 217 0.94 -7.15 -14.16
N ALA B 217 1.88 -5.71 -14.45
CA ALA B 217 2.37 -6.76 -14.19
CA ALA B 217 3.00 -6.57 -14.14
C ALA B 217 3.33 -7.87 -13.71
C ALA B 217 2.63 -8.05 -13.92
N ALA B 218 2.89 -8.68 -12.76
N ALA B 218 1.39 -8.33 -13.54
CA ALA B 218 3.75 -9.75 -12.23
CA ALA B 218 1.06 -9.73 -13.22
C ALA B 218 3.86 -10.88 -13.23
C ALA B 218 1.18 -10.57 -14.48
N LYS B 219 2.72 -11.31 -13.79
N LYS B 219 0.68 -10.02 -15.60
CA LYS B 219 2.72 -12.30 -14.86
CA LYS B 219 0.71 -10.69 -16.90
C LYS B 219 3.48 -11.77 -16.06
C LYS B 219 1.98 -10.50 -17.69
N ALA B 220 3.37 -10.46 -16.31
N ALA B 220 2.63 -9.35 -17.50
CA ALA B 220 4.11 -9.84 -17.39
CA ALA B 220 3.79 -9.04 -18.32
C ALA B 220 5.62 -10.12 -17.25
C ALA B 220 5.09 -9.64 -17.78
N VAL B 221 6.07 -10.26 -16.01
N VAL B 221 5.20 -9.80 -16.47
CA VAL B 221 7.48 -10.53 -15.76
CA VAL B 221 6.47 -10.24 -15.90
C VAL B 221 7.82 -11.91 -16.29
C VAL B 221 6.93 -11.62 -16.40
N THR B 222 6.82 -12.79 -16.32
N THR B 222 6.02 -12.59 -16.47
CA THR B 222 7.00 -14.10 -16.94
CA THR B 222 6.39 -13.95 -16.89
C THR B 222 6.86 -14.11 -18.48
C THR B 222 6.64 -14.11 -18.39
N LYS B 223 6.36 -13.05 -19.12
CA LYS B 223 6.56 -12.93 -20.58
C LYS B 223 8.01 -12.51 -20.86
N VAL B 224 8.55 -11.61 -20.05
CA VAL B 224 9.93 -11.17 -20.22
C VAL B 224 10.98 -12.07 -19.56
N ILE B 225 10.56 -12.94 -18.63
CA ILE B 225 11.44 -13.94 -18.03
C ILE B 225 10.67 -15.27 -18.11
N PRO B 226 10.69 -15.93 -19.29
CA PRO B 226 9.85 -17.11 -19.54
C PRO B 226 10.04 -18.26 -18.54
N GLU B 227 11.24 -18.40 -17.99
CA GLU B 227 11.48 -19.42 -16.95
C GLU B 227 10.57 -19.30 -15.73
N LEU B 228 9.95 -18.12 -15.54
CA LEU B 228 9.04 -17.90 -14.43
C LEU B 228 7.58 -18.08 -14.75
N LYS B 229 7.27 -18.58 -15.96
CA LYS B 229 5.89 -18.86 -16.29
C LYS B 229 5.25 -19.75 -15.22
N GLY B 230 4.05 -19.37 -14.83
CA GLY B 230 3.28 -20.03 -13.79
C GLY B 230 3.74 -19.78 -12.37
N LYS B 231 4.83 -19.02 -12.19
CA LYS B 231 5.48 -18.90 -10.88
CA LYS B 231 5.47 -18.89 -10.88
C LYS B 231 5.33 -17.52 -10.21
N LEU B 232 4.71 -16.57 -10.92
CA LEU B 232 4.61 -15.21 -10.40
CA LEU B 232 4.62 -15.18 -10.43
C LEU B 232 3.31 -14.55 -10.88
N THR B 233 2.59 -13.92 -9.94
CA THR B 233 1.49 -13.04 -10.29
C THR B 233 1.35 -12.03 -9.15
N GLY B 234 0.35 -11.17 -9.21
CA GLY B 234 0.23 -10.15 -8.20
C GLY B 234 -0.92 -9.19 -8.44
N MET B 235 -0.96 -8.15 -7.61
CA MET B 235 -2.03 -7.16 -7.67
CA MET B 235 -2.04 -7.17 -7.63
C MET B 235 -1.50 -5.83 -7.12
N ALA B 236 -2.36 -4.82 -7.14
CA ALA B 236 -2.01 -3.47 -6.76
C ALA B 236 -2.97 -2.89 -5.74
N PHE B 237 -2.49 -1.93 -4.95
CA PHE B 237 -3.36 -1.01 -4.19
C PHE B 237 -2.97 0.39 -4.67
N ARG B 238 -3.93 1.13 -5.23
CA ARG B 238 -3.74 2.55 -5.53
C ARG B 238 -4.04 3.36 -4.28
N VAL B 239 -3.14 4.30 -3.97
CA VAL B 239 -3.21 5.05 -2.71
C VAL B 239 -3.03 6.55 -2.99
N PRO B 240 -3.29 7.43 -1.98
CA PRO B 240 -3.31 8.86 -2.27
C PRO B 240 -1.98 9.60 -2.31
N THR B 241 -1.06 9.11 -3.13
CA THR B 241 0.12 9.87 -3.52
C THR B 241 0.15 10.07 -5.03
N PRO B 242 0.76 11.19 -5.51
CA PRO B 242 0.66 11.52 -6.94
C PRO B 242 1.72 10.91 -7.86
N ASP B 243 2.76 10.36 -7.27
CA ASP B 243 3.82 9.68 -8.01
C ASP B 243 4.71 8.97 -7.01
N VAL B 244 5.38 7.95 -7.53
CA VAL B 244 6.29 7.01 -6.86
C VAL B 244 5.49 5.85 -6.28
N SER B 245 6.01 4.66 -6.48
CA SER B 245 5.28 3.40 -6.11
C SER B 245 6.33 2.40 -5.56
N VAL B 246 5.87 1.28 -5.01
CA VAL B 246 6.74 0.34 -4.35
C VAL B 246 6.23 -1.08 -4.57
N VAL B 247 7.16 -1.97 -4.96
CA VAL B 247 6.89 -3.39 -5.12
C VAL B 247 7.26 -4.12 -3.83
N ASP B 248 6.37 -5.03 -3.43
CA ASP B 248 6.52 -5.90 -2.28
C ASP B 248 6.34 -7.35 -2.86
N LEU B 249 7.44 -8.07 -2.99
CA LEU B 249 7.50 -9.37 -3.62
C LEU B 249 7.73 -10.39 -2.53
N THR B 250 6.80 -11.31 -2.36
CA THR B 250 6.93 -12.39 -1.38
C THR B 250 7.22 -13.65 -2.17
N CYS B 251 8.39 -14.24 -1.95
CA CYS B 251 8.79 -15.38 -2.75
CA CYS B 251 8.95 -15.31 -2.78
C CYS B 251 9.44 -16.48 -1.94
N ARG B 252 9.27 -17.69 -2.44
CA ARG B 252 9.89 -18.88 -1.92
C ARG B 252 11.03 -19.19 -2.88
N LEU B 253 12.23 -19.37 -2.31
CA LEU B 253 13.41 -19.62 -3.11
C LEU B 253 13.88 -21.07 -3.03
N ALA B 254 14.48 -21.53 -4.12
CA ALA B 254 14.96 -22.92 -4.24
C ALA B 254 16.24 -23.14 -3.44
N GLN B 255 17.22 -22.28 -3.60
CA GLN B 255 18.46 -22.37 -2.83
C GLN B 255 18.37 -21.46 -1.61
N PRO B 256 18.97 -21.86 -0.48
CA PRO B 256 19.02 -20.97 0.69
C PRO B 256 19.57 -19.58 0.37
N ALA B 257 18.91 -18.56 0.89
CA ALA B 257 19.19 -17.18 0.51
C ALA B 257 19.16 -16.32 1.77
N PRO B 258 20.20 -16.45 2.62
CA PRO B 258 20.33 -15.57 3.76
C PRO B 258 20.24 -14.13 3.27
N TYR B 259 19.62 -13.27 4.06
CA TYR B 259 19.39 -11.90 3.59
C TYR B 259 20.71 -11.19 3.24
N SER B 260 21.80 -11.53 3.91
CA SER B 260 23.09 -10.97 3.53
C SER B 260 23.47 -11.36 2.08
N ALA B 261 23.14 -12.57 1.67
CA ALA B 261 23.44 -13.04 0.33
C ALA B 261 22.52 -12.36 -0.66
N ILE B 262 21.28 -12.07 -0.26
CA ILE B 262 20.38 -11.36 -1.16
C ILE B 262 20.89 -9.93 -1.41
N LYS B 263 21.28 -9.25 -0.33
CA LYS B 263 21.80 -7.88 -0.47
C LYS B 263 23.04 -7.88 -1.37
N GLU B 264 23.92 -8.87 -1.21
CA GLU B 264 25.14 -8.91 -2.01
C GLU B 264 24.84 -9.14 -3.49
N ALA B 265 23.87 -9.99 -3.79
CA ALA B 265 23.47 -10.26 -5.17
C ALA B 265 22.92 -9.01 -5.83
N VAL B 266 22.08 -8.28 -5.09
CA VAL B 266 21.44 -7.07 -5.61
C VAL B 266 22.50 -5.98 -5.87
N LYS B 267 23.39 -5.79 -4.91
CA LYS B 267 24.50 -4.85 -5.06
C LYS B 267 25.40 -5.18 -6.25
N ALA B 268 25.70 -6.47 -6.42
CA ALA B 268 26.55 -6.89 -7.53
C ALA B 268 25.88 -6.54 -8.85
N ALA B 269 24.57 -6.75 -8.92
CA ALA B 269 23.82 -6.46 -10.14
C ALA B 269 23.81 -4.93 -10.41
N ALA B 270 23.60 -4.15 -9.35
CA ALA B 270 23.51 -2.69 -9.42
C ALA B 270 24.81 -2.04 -9.85
N LYS B 271 25.92 -2.61 -9.40
CA LYS B 271 27.23 -2.04 -9.72
C LYS B 271 27.68 -2.46 -11.10
N GLY B 272 27.15 -3.58 -11.58
CA GLY B 272 27.58 -4.19 -12.82
C GLY B 272 26.57 -4.16 -13.94
N PRO B 273 26.01 -5.33 -14.30
CA PRO B 273 25.17 -5.47 -15.49
C PRO B 273 23.84 -4.71 -15.48
N MET B 274 23.35 -4.36 -14.29
CA MET B 274 22.11 -3.60 -14.19
C MET B 274 22.32 -2.16 -13.74
N ALA B 275 23.54 -1.66 -13.92
CA ALA B 275 23.87 -0.28 -13.59
C ALA B 275 22.92 0.65 -14.34
N GLY B 276 22.33 1.59 -13.60
CA GLY B 276 21.33 2.52 -14.16
C GLY B 276 19.90 2.00 -14.20
N ILE B 277 19.74 0.70 -13.99
CA ILE B 277 18.42 0.06 -14.04
CA ILE B 277 18.42 0.06 -14.04
C ILE B 277 17.98 -0.33 -12.64
N LEU B 278 18.81 -1.11 -11.97
CA LEU B 278 18.54 -1.55 -10.62
C LEU B 278 19.54 -0.84 -9.69
N ALA B 279 19.02 -0.18 -8.67
CA ALA B 279 19.87 0.40 -7.60
C ALA B 279 19.60 -0.27 -6.26
N TYR B 280 20.41 0.09 -5.28
CA TYR B 280 20.42 -0.54 -3.98
C TYR B 280 20.62 0.59 -2.96
N THR B 281 19.76 0.64 -1.95
CA THR B 281 19.96 1.53 -0.81
C THR B 281 19.81 0.78 0.53
N GLU B 282 20.50 1.29 1.55
CA GLU B 282 20.26 0.90 2.93
C GLU B 282 19.77 2.08 3.76
N ASP B 283 19.35 3.18 3.10
CA ASP B 283 18.90 4.38 3.84
C ASP B 283 17.42 4.23 4.24
N GLU B 284 16.97 5.07 5.16
CA GLU B 284 15.62 4.99 5.73
C GLU B 284 14.65 5.78 4.83
N VAL B 285 14.50 5.31 3.62
CA VAL B 285 13.81 6.06 2.57
C VAL B 285 12.28 5.98 2.64
N VAL B 286 11.62 6.96 2.05
CA VAL B 286 10.17 6.96 1.89
C VAL B 286 9.91 7.39 0.43
N SER B 287 8.66 7.37 0.03
CA SER B 287 8.32 7.52 -1.42
C SER B 287 8.86 8.79 -2.08
N THR B 288 8.75 9.93 -1.39
CA THR B 288 9.19 11.20 -1.99
C THR B 288 10.68 11.22 -2.29
N ASP B 289 11.44 10.36 -1.64
CA ASP B 289 12.86 10.30 -1.87
C ASP B 289 13.25 9.79 -3.26
N PHE B 290 12.29 9.26 -3.98
CA PHE B 290 12.50 8.79 -5.35
C PHE B 290 11.86 9.63 -6.44
N LEU B 291 11.32 10.78 -6.08
CA LEU B 291 10.85 11.71 -7.09
C LEU B 291 12.03 12.13 -7.98
N GLY B 292 11.91 11.84 -9.26
CA GLY B 292 12.90 12.21 -10.24
C GLY B 292 13.98 11.17 -10.41
N ASP B 293 13.86 10.04 -9.73
CA ASP B 293 14.91 8.99 -9.82
C ASP B 293 14.74 8.29 -11.15
N THR B 294 15.84 8.05 -11.86
CA THR B 294 15.82 7.48 -13.20
C THR B 294 15.95 5.94 -13.22
N HIS B 295 16.15 5.30 -12.06
CA HIS B 295 16.25 3.84 -12.04
C HIS B 295 14.89 3.19 -12.25
N SER B 296 14.91 1.99 -12.79
CA SER B 296 13.71 1.17 -12.87
C SER B 296 13.23 0.58 -11.56
N SER B 297 14.18 0.36 -10.65
CA SER B 297 13.95 -0.43 -9.45
C SER B 297 15.02 -0.04 -8.43
N ILE B 298 14.59 0.40 -7.25
CA ILE B 298 15.55 0.71 -6.18
C ILE B 298 15.26 -0.19 -4.95
N PHE B 299 16.14 -1.15 -4.74
CA PHE B 299 15.98 -2.16 -3.70
C PHE B 299 16.21 -1.52 -2.32
N ASP B 300 15.24 -1.69 -1.44
CA ASP B 300 15.21 -1.10 -0.09
C ASP B 300 15.66 -2.17 0.91
N ALA B 301 16.95 -2.16 1.22
CA ALA B 301 17.50 -3.25 2.04
C ALA B 301 16.91 -3.37 3.42
N LYS B 302 16.70 -2.23 4.08
CA LYS B 302 16.18 -2.27 5.44
C LYS B 302 14.70 -2.59 5.55
N ALA B 303 13.93 -2.41 4.46
CA ALA B 303 12.49 -2.62 4.55
C ALA B 303 12.07 -4.07 4.36
N GLY B 304 12.91 -4.86 3.71
CA GLY B 304 12.56 -6.28 3.48
C GLY B 304 12.58 -7.13 4.74
N ILE B 305 11.98 -8.33 4.65
CA ILE B 305 11.95 -9.28 5.76
C ILE B 305 12.25 -10.68 5.26
N ALA B 306 13.02 -11.43 6.01
CA ALA B 306 13.20 -12.87 5.76
C ALA B 306 12.50 -13.62 6.89
N LEU B 307 11.49 -14.43 6.55
CA LEU B 307 10.93 -15.37 7.51
C LEU B 307 11.97 -16.46 7.80
N ASN B 308 12.63 -16.93 6.75
CA ASN B 308 13.65 -17.96 6.85
C ASN B 308 14.54 -17.87 5.59
N ASP B 309 15.53 -18.75 5.47
CA ASP B 309 16.45 -18.75 4.33
C ASP B 309 15.80 -18.96 2.96
N ASN B 310 14.57 -19.47 2.92
CA ASN B 310 13.88 -19.74 1.65
C ASN B 310 12.56 -18.99 1.44
N PHE B 311 12.20 -18.08 2.35
CA PHE B 311 10.91 -17.40 2.25
C PHE B 311 11.08 -15.95 2.70
N VAL B 312 10.97 -15.03 1.74
CA VAL B 312 11.36 -13.63 1.97
C VAL B 312 10.39 -12.64 1.37
N LYS B 313 10.39 -11.41 1.88
CA LYS B 313 9.64 -10.29 1.29
C LYS B 313 10.61 -9.23 0.91
N LEU B 314 10.69 -8.93 -0.38
CA LEU B 314 11.65 -7.98 -0.90
C LEU B 314 10.93 -6.72 -1.37
N ILE B 315 11.50 -5.55 -1.07
CA ILE B 315 10.85 -4.26 -1.31
C ILE B 315 11.70 -3.44 -2.28
N SER B 316 11.07 -2.90 -3.34
CA SER B 316 11.77 -2.11 -4.34
C SER B 316 10.91 -0.92 -4.82
N TRP B 317 11.54 0.25 -4.86
CA TRP B 317 10.88 1.50 -5.21
C TRP B 317 11.01 1.82 -6.70
N TYR B 318 10.12 2.68 -7.17
CA TYR B 318 10.19 3.17 -8.53
C TYR B 318 9.39 4.44 -8.69
N ASP B 319 9.98 5.44 -9.35
CA ASP B 319 9.20 6.57 -9.79
C ASP B 319 8.47 6.13 -11.07
N ASN B 320 7.19 5.83 -10.92
CA ASN B 320 6.40 5.22 -12.02
C ASN B 320 6.32 6.12 -13.22
N GLU B 321 6.34 7.44 -13.03
CA GLU B 321 6.33 8.36 -14.18
C GLU B 321 7.72 8.51 -14.79
N TYR B 322 8.70 8.78 -13.93
CA TYR B 322 9.99 9.29 -14.39
C TYR B 322 10.96 8.17 -14.80
N GLY B 323 11.06 7.11 -13.99
CA GLY B 323 11.92 5.97 -14.33
C GLY B 323 11.46 5.34 -15.62
N TYR B 324 10.16 5.11 -15.70
CA TYR B 324 9.56 4.48 -16.90
C TYR B 324 9.81 5.32 -18.13
N SER B 325 9.68 6.65 -18.02
CA SER B 325 9.89 7.54 -19.17
C SER B 325 11.35 7.45 -19.61
N HIS B 326 12.27 7.37 -18.65
CA HIS B 326 13.68 7.15 -19.00
C HIS B 326 13.89 5.81 -19.74
N ARG B 327 13.20 4.75 -19.34
CA ARG B 327 13.34 3.44 -19.99
C ARG B 327 12.78 3.48 -21.40
N VAL B 328 11.71 4.24 -21.61
CA VAL B 328 11.15 4.37 -23.00
C VAL B 328 12.26 4.88 -23.94
N VAL B 329 12.94 5.93 -23.51
CA VAL B 329 14.06 6.51 -24.26
C VAL B 329 15.22 5.52 -24.43
N ASP B 330 15.62 4.86 -23.33
CA ASP B 330 16.62 3.81 -23.43
C ASP B 330 16.25 2.72 -24.43
N LEU B 331 14.99 2.28 -24.44
CA LEU B 331 14.58 1.26 -25.39
C LEU B 331 14.61 1.76 -26.83
N LEU B 332 14.20 3.01 -27.05
CA LEU B 332 14.28 3.62 -28.38
C LEU B 332 15.72 3.64 -28.89
N ARG B 333 16.62 4.10 -28.03
CA ARG B 333 18.04 4.17 -28.40
C ARG B 333 18.62 2.80 -28.66
N TYR B 334 18.21 1.82 -27.86
CA TYR B 334 18.64 0.47 -28.06
C TYR B 334 18.13 -0.08 -29.39
N MET B 335 16.85 0.12 -29.66
CA MET B 335 16.23 -0.34 -30.92
C MET B 335 16.96 0.24 -32.11
N PHE B 336 17.23 1.54 -32.04
CA PHE B 336 17.89 2.22 -33.13
C PHE B 336 19.31 1.68 -33.39
N SER B 337 20.05 1.41 -32.32
CA SER B 337 21.41 0.89 -32.49
C SER B 337 21.39 -0.52 -33.10
N ARG B 338 20.34 -1.29 -32.79
CA ARG B 338 20.15 -2.65 -33.34
C ARG B 338 19.64 -2.61 -34.78
N ASP B 339 18.74 -1.66 -35.06
CA ASP B 339 18.13 -1.53 -36.39
C ASP B 339 19.15 -1.17 -37.46
N ALA B 340 20.27 -0.54 -37.04
CA ALA B 340 21.40 -0.25 -37.92
C ALA B 340 21.99 -1.51 -38.59
N GLU B 341 21.71 -2.70 -38.03
CA GLU B 341 21.99 -3.98 -38.69
C GLU B 341 21.33 -4.09 -40.09
N ASN B 342 20.40 -3.18 -40.39
CA ASN B 342 19.80 -2.99 -41.72
C ASN B 342 18.93 -4.18 -42.14
PA NAD C . -3.67 9.57 20.41
O1A NAD C . -2.42 10.37 20.30
O2A NAD C . -4.89 9.93 19.57
O5B NAD C . -4.32 9.49 21.84
C5B NAD C . -3.45 9.48 23.01
C4B NAD C . -4.15 10.38 24.05
O4B NAD C . -3.41 10.17 25.34
C3B NAD C . -4.15 11.91 23.77
O3B NAD C . -5.52 12.40 23.93
C2B NAD C . -3.16 12.45 24.84
O2B NAD C . -3.48 13.75 25.31
C1B NAD C . -3.31 11.45 25.97
N9A NAD C . -2.05 11.36 26.81
C8A NAD C . -0.76 11.51 26.45
N7A NAD C . 0.05 11.31 27.53
C5A NAD C . -0.76 11.03 28.54
C6A NAD C . -0.51 10.74 29.88
N6A NAD C . 0.75 10.71 30.32
N1A NAD C . -1.56 10.48 30.66
C2A NAD C . -2.80 10.52 30.23
N3A NAD C . -3.10 10.81 28.95
C4A NAD C . -2.07 11.06 28.11
O3 NAD C . -3.27 8.10 20.07
PN NAD C . -4.27 6.84 19.68
O1N NAD C . -4.17 6.61 18.18
O2N NAD C . -5.59 6.99 20.36
O5D NAD C . -3.45 5.62 20.26
C5D NAD C . -3.54 5.32 21.64
C4D NAD C . -3.01 3.88 21.85
O4D NAD C . -3.85 2.98 21.10
C3D NAD C . -1.57 3.64 21.37
O3D NAD C . -0.98 2.62 22.21
C2D NAD C . -1.81 3.09 19.98
O2D NAD C . -0.74 2.22 19.54
C1D NAD C . -3.01 2.22 20.23
N1N NAD C . -3.87 1.96 19.05
C2N NAD C . -4.11 2.92 18.05
C3N NAD C . -4.95 2.57 16.99
C7N NAD C . -5.25 3.54 15.84
O7N NAD C . -5.50 3.08 14.74
N7N NAD C . -5.21 4.85 16.10
C4N NAD C . -5.52 1.31 16.89
C5N NAD C . -5.28 0.34 17.87
C6N NAD C . -4.50 0.70 18.96
P PO4 D . 0.30 3.70 16.38
O1 PO4 D . 0.36 5.21 16.16
O2 PO4 D . -1.20 3.45 16.41
O3 PO4 D . 1.08 3.02 15.28
O4 PO4 D . 0.85 3.43 17.79
P PO4 E . -0.46 -1.80 13.94
O1 PO4 E . 0.81 -1.73 14.81
O2 PO4 E . -1.11 -0.40 13.94
O3 PO4 E . -0.10 -2.11 12.48
O4 PO4 E . -1.53 -2.75 14.43
C1 EDO F . 16.28 4.15 12.67
O1 EDO F . 14.89 4.29 12.37
C2 EDO F . 16.46 3.95 14.17
O2 EDO F . 17.84 4.01 14.49
C1 EDO G . -0.95 -14.82 25.53
O1 EDO G . -2.24 -14.25 25.76
C2 EDO G . -0.13 -13.99 24.56
O2 EDO G . 0.39 -12.81 25.19
C1 EDO H . 10.31 -22.87 2.09
O1 EDO H . 10.86 -21.77 2.84
C2 EDO H . 11.34 -23.84 1.54
O2 EDO H . 11.19 -23.91 0.11
C1 EDO I . -11.63 -18.25 22.19
O1 EDO I . -10.55 -18.43 23.12
C2 EDO I . -11.64 -19.43 21.23
O2 EDO I . -12.21 -19.02 20.00
C1 EDO J . -15.64 -14.18 -5.43
O1 EDO J . -16.54 -14.02 -6.53
C2 EDO J . -14.21 -14.34 -5.92
O2 EDO J . -13.92 -15.71 -6.27
C1 EDO K . 11.34 0.04 8.32
O1 EDO K . 10.49 -1.12 8.17
C2 EDO K . 12.74 -0.38 8.76
O2 EDO K . 13.78 0.23 7.95
PA NAD L . -2.27 10.74 -19.50
O1A NAD L . -3.76 10.70 -19.39
O2A NAD L . -1.49 11.62 -18.58
O5B NAD L . -1.77 11.06 -20.94
C5B NAD L . -2.52 10.67 -22.10
C4B NAD L . -2.33 11.78 -23.12
O4B NAD L . -2.88 11.22 -24.36
C3B NAD L . -3.15 13.05 -22.78
O3B NAD L . -2.27 14.18 -22.90
C2B NAD L . -4.32 13.01 -23.81
O2B NAD L . -4.85 14.29 -24.20
C1B NAD L . -3.66 12.26 -24.98
N9A NAD L . -4.65 11.60 -25.86
C8A NAD L . -5.82 11.02 -25.55
N7A NAD L . -6.41 10.48 -26.64
C5A NAD L . -5.53 10.69 -27.63
C6A NAD L . -5.57 10.35 -28.99
N6A NAD L . -6.63 9.71 -29.48
N1A NAD L . -4.53 10.73 -29.74
C2A NAD L . -3.49 11.37 -29.26
N3A NAD L . -3.40 11.71 -27.96
C4A NAD L . -4.44 11.37 -27.16
O3 NAD L . -1.83 9.21 -19.21
PN NAD L . -0.38 8.69 -18.84
O1N NAD L . -0.24 8.45 -17.38
O2N NAD L . 0.68 9.51 -19.46
O5D NAD L . -0.30 7.24 -19.46
C5D NAD L . -0.20 7.08 -20.90
C4D NAD L . 0.20 5.60 -21.18
O4D NAD L . 1.39 5.21 -20.41
C3D NAD L . -0.90 4.67 -20.72
O3D NAD L . -0.86 3.51 -21.55
C2D NAD L . -0.40 4.26 -19.34
O2D NAD L . -0.86 2.95 -18.87
C1D NAD L . 1.06 4.12 -19.59
N1N NAD L . 1.93 4.30 -18.39
C2N NAD L . 1.60 5.21 -17.36
C3N NAD L . 2.44 5.30 -16.28
C7N NAD L . 2.20 6.27 -15.11
O7N NAD L . 2.71 6.01 -14.03
N7N NAD L . 1.56 7.42 -15.39
C4N NAD L . 3.63 4.55 -16.20
C5N NAD L . 3.96 3.64 -17.22
C6N NAD L . 3.12 3.53 -18.31
P PO4 M . -2.44 3.55 -15.70
O1 PO4 M . -1.04 4.05 -15.72
O2 PO4 M . -3.34 4.76 -15.52
O3 PO4 M . -2.78 3.03 -17.10
O4 PO4 M . -2.78 2.57 -14.62
P PO4 N . 1.04 -0.98 -13.44
O1 PO4 N . 2.44 -1.11 -13.96
O2 PO4 N . 0.69 0.51 -13.36
O3 PO4 N . 0.04 -1.63 -14.36
O4 PO4 N . 0.89 -1.48 -12.01
C1 EDO O . 19.66 5.26 -4.31
O1 EDO O . 20.06 6.45 -3.64
C2 EDO O . 19.14 5.61 -5.70
O2 EDO O . 17.91 6.32 -5.49
C1 EDO P . -16.41 -4.81 -12.14
O1 EDO P . -15.31 -4.04 -11.67
C2 EDO P . -16.33 -4.89 -13.66
O2 EDO P . -17.61 -5.28 -14.16
C1 EDO Q . 8.20 -11.38 -25.87
O1 EDO Q . 9.03 -10.29 -25.51
C2 EDO Q . 7.00 -11.49 -24.95
O2 EDO Q . 6.14 -10.35 -25.08
C1 EDO R . 19.17 -8.49 -22.01
O1 EDO R . 18.58 -9.25 -23.08
C2 EDO R . 19.91 -9.44 -21.09
O2 EDO R . 20.83 -8.69 -20.30
C1 EDO S . 7.98 34.31 -11.29
O1 EDO S . 8.00 33.25 -12.24
C2 EDO S . 8.83 33.89 -10.10
O2 EDO S . 8.31 32.65 -9.64
C1 EDO T . 16.39 -7.67 7.93
O1 EDO T . 15.98 -8.85 7.24
C2 EDO T . 16.23 -6.45 7.01
O2 EDO T . 17.32 -5.56 7.26
C1 EDO U . 21.04 -3.38 5.97
O1 EDO U . 21.05 -2.52 7.12
C2 EDO U . 19.70 -4.11 5.90
O2 EDO U . 19.86 -5.49 6.20
C1 EDO V . 1.78 -12.22 -27.07
O1 EDO V . 2.90 -12.96 -26.56
C2 EDO V . 0.42 -12.88 -26.77
O2 EDO V . 0.54 -13.97 -25.85
#